data_4GIK
#
_entry.id   4GIK
#
_cell.length_a   61.347
_cell.length_b   116.496
_cell.length_c   132.153
_cell.angle_alpha   90.00
_cell.angle_beta   90.00
_cell.angle_gamma   90.00
#
_symmetry.space_group_name_H-M   'P 21 21 21'
#
loop_
_entity.id
_entity.type
_entity.pdbx_description
1 polymer "Pseudouridine-5'-phosphate glycosidase"
2 non-polymer RIBOSE-5-PHOSPHATE
3 non-polymer 'MANGANESE (II) ION'
4 water water
#
_entity_poly.entity_id   1
_entity_poly.type   'polypeptide(L)'
_entity_poly.pdbx_seq_one_letter_code
;MGSDKIHHHHHHSSGENLYFQGHMSELKISPELLQISPEVQDALKNKKPVVALESTIISHGMPFPQNAQTAIEVEETIRK
QGAVPATIAIIGGVMKVGLSKEEIELLGREGHNVTKVSRRDLPFVVAAGKNGATTVASTMIIAALAGIKVFATGGIGGVH
RGAEHTFDISADLQELANTNVTVVCAGAKSILDLGLTTEYLETFGVPLIGYQTKALPAFFCRTSPFDVSIRLDSASEIAR
AMVVKWQSGLNGGLVVANPIPEQFAMPEHTINAAIDQAVAEAEAQGVIGKESTPFLLARVAELTGGDSLKSNIQLVFNNA
ILASEIAKEYQRLAG
;
_entity_poly.pdbx_strand_id   A,B,C
#
loop_
_chem_comp.id
_chem_comp.type
_chem_comp.name
_chem_comp.formula
MN non-polymer 'MANGANESE (II) ION' 'Mn 2'
R5P saccharide RIBOSE-5-PHOSPHATE 'C5 H11 O8 P'
#
# COMPACT_ATOMS: atom_id res chain seq x y z
N ILE A 29 -18.41 -0.51 -18.53
CA ILE A 29 -17.63 0.57 -19.12
C ILE A 29 -17.66 0.52 -20.64
N SER A 30 -17.09 1.53 -21.30
CA SER A 30 -17.27 1.72 -22.74
C SER A 30 -16.58 0.69 -23.63
N PRO A 31 -17.28 0.22 -24.67
CA PRO A 31 -16.76 -0.70 -25.68
C PRO A 31 -15.67 -0.03 -26.50
N GLU A 32 -15.58 1.29 -26.39
CA GLU A 32 -14.47 2.01 -26.98
C GLU A 32 -13.18 1.67 -26.22
N LEU A 33 -13.28 1.51 -24.90
CA LEU A 33 -12.16 1.14 -24.02
C LEU A 33 -11.85 -0.37 -23.83
N LEU A 34 -12.92 -1.17 -23.76
CA LEU A 34 -12.80 -2.56 -23.36
C LEU A 34 -13.68 -3.39 -24.28
N GLN A 35 -13.09 -4.41 -24.89
CA GLN A 35 -13.86 -5.30 -25.75
C GLN A 35 -13.63 -6.77 -25.39
N ILE A 36 -14.73 -7.48 -25.18
CA ILE A 36 -14.67 -8.91 -24.84
C ILE A 36 -15.08 -9.70 -26.08
N SER A 37 -14.27 -10.70 -26.46
CA SER A 37 -14.57 -11.46 -27.67
C SER A 37 -15.85 -12.26 -27.50
N PRO A 38 -16.50 -12.59 -28.63
CA PRO A 38 -17.72 -13.40 -28.58
C PRO A 38 -17.51 -14.72 -27.85
N GLU A 39 -16.41 -15.42 -28.10
CA GLU A 39 -16.13 -16.67 -27.38
C GLU A 39 -16.17 -16.42 -25.86
N VAL A 40 -15.48 -15.37 -25.42
CA VAL A 40 -15.43 -15.10 -23.98
C VAL A 40 -16.80 -14.62 -23.45
N GLN A 41 -17.48 -13.79 -24.23
CA GLN A 41 -18.81 -13.33 -23.85
C GLN A 41 -19.77 -14.48 -23.67
N ASP A 42 -19.78 -15.40 -24.63
CA ASP A 42 -20.64 -16.58 -24.56
C ASP A 42 -20.33 -17.39 -23.31
N ALA A 43 -19.04 -17.53 -23.01
CA ALA A 43 -18.62 -18.25 -21.82
C ALA A 43 -19.13 -17.61 -20.52
N LEU A 44 -19.05 -16.29 -20.42
CA LEU A 44 -19.50 -15.61 -19.21
C LEU A 44 -21.01 -15.66 -19.05
N LYS A 45 -21.74 -15.49 -20.15
CA LYS A 45 -23.19 -15.59 -20.13
C LYS A 45 -23.62 -17.02 -19.74
N ASN A 46 -23.00 -18.02 -20.35
CA ASN A 46 -23.37 -19.41 -20.11
C ASN A 46 -22.69 -20.00 -18.88
N LYS A 47 -21.90 -19.17 -18.19
CA LYS A 47 -21.23 -19.59 -16.96
C LYS A 47 -20.25 -20.74 -17.16
N LYS A 48 -19.55 -20.74 -18.30
CA LYS A 48 -18.47 -21.71 -18.52
C LYS A 48 -17.21 -21.10 -17.96
N PRO A 49 -16.33 -21.93 -17.39
CA PRO A 49 -15.13 -21.39 -16.73
C PRO A 49 -14.14 -20.72 -17.70
N VAL A 50 -13.70 -19.52 -17.36
CA VAL A 50 -12.77 -18.77 -18.20
C VAL A 50 -11.40 -18.67 -17.55
N VAL A 51 -10.35 -18.80 -18.34
CA VAL A 51 -8.99 -18.59 -17.84
C VAL A 51 -8.32 -17.46 -18.62
N ALA A 52 -7.93 -16.42 -17.90
CA ALA A 52 -7.26 -15.28 -18.53
C ALA A 52 -5.79 -15.61 -18.80
N LEU A 53 -5.23 -14.96 -19.81
CA LEU A 53 -3.82 -15.10 -20.15
C LEU A 53 -3.23 -13.73 -20.46
N GLU A 54 -1.97 -13.53 -20.09
CA GLU A 54 -1.25 -12.30 -20.41
C GLU A 54 -0.62 -12.30 -21.82
N SER A 55 -0.35 -11.11 -22.32
CA SER A 55 0.36 -10.98 -23.60
C SER A 55 1.84 -10.56 -23.52
N THR A 56 2.33 -10.20 -22.35
CA THR A 56 3.72 -9.75 -22.25
C THR A 56 4.67 -10.93 -22.48
N ILE A 57 4.20 -12.12 -22.15
CA ILE A 57 4.97 -13.34 -22.37
C ILE A 57 5.06 -13.65 -23.87
N ILE A 58 4.12 -13.10 -24.64
CA ILE A 58 4.08 -13.31 -26.07
C ILE A 58 5.08 -12.40 -26.82
N SER A 59 5.22 -11.16 -26.35
CA SER A 59 6.12 -10.21 -27.02
C SER A 59 7.50 -10.14 -26.36
N HIS A 60 7.53 -9.66 -25.13
CA HIS A 60 8.78 -9.49 -24.38
C HIS A 60 9.30 -10.74 -23.68
N GLY A 61 8.43 -11.71 -23.45
CA GLY A 61 8.76 -12.87 -22.65
C GLY A 61 9.57 -13.93 -23.38
N MET A 62 9.29 -14.11 -24.67
CA MET A 62 9.95 -15.14 -25.46
C MET A 62 10.18 -14.63 -26.88
N PRO A 63 10.78 -15.46 -27.74
CA PRO A 63 11.06 -15.06 -29.12
C PRO A 63 10.08 -15.66 -30.13
N PHE A 64 10.13 -15.17 -31.36
CA PHE A 64 9.26 -15.66 -32.43
C PHE A 64 9.98 -16.82 -33.11
N PRO A 65 9.25 -17.85 -33.60
CA PRO A 65 7.82 -18.20 -33.56
C PRO A 65 7.37 -18.68 -32.19
N GLN A 66 8.33 -19.04 -31.33
CA GLN A 66 8.03 -19.65 -30.03
C GLN A 66 7.04 -18.85 -29.21
N ASN A 67 6.84 -17.58 -29.56
CA ASN A 67 5.85 -16.77 -28.85
C ASN A 67 4.40 -16.97 -29.33
N ALA A 68 4.15 -16.66 -30.60
CA ALA A 68 2.80 -16.76 -31.16
C ALA A 68 2.25 -18.18 -31.15
N GLN A 69 3.09 -19.14 -31.53
CA GLN A 69 2.66 -20.54 -31.63
C GLN A 69 2.37 -21.09 -30.23
N THR A 70 3.26 -20.79 -29.30
CA THR A 70 3.07 -21.18 -27.91
C THR A 70 1.80 -20.57 -27.33
N ALA A 71 1.55 -19.30 -27.64
CA ALA A 71 0.40 -18.60 -27.10
C ALA A 71 -0.88 -19.28 -27.60
N ILE A 72 -0.85 -19.71 -28.85
CA ILE A 72 -1.96 -20.43 -29.46
C ILE A 72 -2.14 -21.78 -28.79
N GLU A 73 -1.04 -22.47 -28.51
CA GLU A 73 -1.09 -23.79 -27.90
C GLU A 73 -1.63 -23.72 -26.48
N VAL A 74 -1.25 -22.68 -25.75
CA VAL A 74 -1.78 -22.45 -24.42
C VAL A 74 -3.30 -22.36 -24.46
N GLU A 75 -3.83 -21.54 -25.37
CA GLU A 75 -5.27 -21.44 -25.52
C GLU A 75 -5.88 -22.82 -25.75
N GLU A 76 -5.25 -23.61 -26.62
CA GLU A 76 -5.76 -24.94 -26.94
C GLU A 76 -5.74 -25.90 -25.75
N THR A 77 -4.67 -25.86 -24.97
CA THR A 77 -4.58 -26.61 -23.74
C THR A 77 -5.78 -26.31 -22.83
N ILE A 78 -6.06 -25.04 -22.63
CA ILE A 78 -7.20 -24.63 -21.80
C ILE A 78 -8.52 -25.19 -22.35
N ARG A 79 -8.74 -25.01 -23.65
CA ARG A 79 -9.90 -25.60 -24.31
C ARG A 79 -9.99 -27.10 -24.10
N LYS A 80 -8.86 -27.79 -24.24
CA LYS A 80 -8.86 -29.25 -24.09
C LYS A 80 -9.20 -29.67 -22.65
N GLN A 81 -8.94 -28.78 -21.70
CA GLN A 81 -9.28 -29.03 -20.29
C GLN A 81 -10.75 -28.74 -19.99
N GLY A 82 -11.48 -28.27 -21.00
CA GLY A 82 -12.87 -27.89 -20.83
C GLY A 82 -13.10 -26.51 -20.25
N ALA A 83 -12.11 -25.62 -20.34
CA ALA A 83 -12.34 -24.22 -19.98
C ALA A 83 -12.20 -23.32 -21.20
N VAL A 84 -12.48 -22.03 -21.04
CA VAL A 84 -12.39 -21.08 -22.13
C VAL A 84 -11.26 -20.07 -21.90
N PRO A 85 -10.28 -20.06 -22.81
CA PRO A 85 -9.16 -19.13 -22.70
C PRO A 85 -9.58 -17.68 -23.02
N ALA A 86 -9.05 -16.71 -22.29
CA ALA A 86 -9.15 -15.33 -22.74
C ALA A 86 -7.77 -14.67 -22.68
N THR A 87 -7.12 -14.52 -23.83
CA THR A 87 -5.83 -13.85 -23.83
C THR A 87 -6.14 -12.38 -23.77
N ILE A 88 -5.38 -11.66 -22.97
CA ILE A 88 -5.65 -10.25 -22.78
C ILE A 88 -4.52 -9.40 -23.33
N ALA A 89 -4.90 -8.32 -24.00
CA ALA A 89 -3.92 -7.40 -24.53
C ALA A 89 -4.58 -6.05 -24.82
N ILE A 90 -3.77 -5.10 -25.25
CA ILE A 90 -4.30 -3.86 -25.78
C ILE A 90 -4.03 -3.86 -27.28
N ILE A 91 -5.10 -3.84 -28.07
CA ILE A 91 -4.97 -3.82 -29.51
C ILE A 91 -5.52 -2.50 -30.07
N GLY A 92 -4.68 -1.74 -30.76
CA GLY A 92 -5.10 -0.47 -31.34
C GLY A 92 -5.78 0.41 -30.30
N GLY A 93 -5.21 0.49 -29.11
CA GLY A 93 -5.77 1.28 -28.03
C GLY A 93 -6.95 0.70 -27.27
N VAL A 94 -7.37 -0.52 -27.64
CA VAL A 94 -8.51 -1.16 -26.98
C VAL A 94 -8.10 -2.29 -26.06
N MET A 95 -8.57 -2.26 -24.81
CA MET A 95 -8.33 -3.38 -23.90
C MET A 95 -9.17 -4.52 -24.43
N LYS A 96 -8.50 -5.62 -24.78
CA LYS A 96 -9.20 -6.75 -25.37
C LYS A 96 -9.17 -7.95 -24.43
N VAL A 97 -10.35 -8.51 -24.20
CA VAL A 97 -10.45 -9.74 -23.43
C VAL A 97 -10.85 -10.81 -24.44
N GLY A 98 -9.88 -11.65 -24.78
CA GLY A 98 -9.94 -12.64 -25.84
C GLY A 98 -9.39 -12.07 -27.16
N LEU A 99 -8.60 -12.86 -27.85
CA LEU A 99 -7.84 -12.38 -29.00
C LEU A 99 -8.02 -13.35 -30.15
N SER A 100 -8.05 -12.83 -31.37
CA SER A 100 -8.00 -13.66 -32.57
C SER A 100 -6.59 -14.16 -32.82
N LYS A 101 -6.47 -15.23 -33.61
CA LYS A 101 -5.17 -15.75 -34.00
C LYS A 101 -4.36 -14.63 -34.64
N GLU A 102 -5.02 -13.86 -35.49
CA GLU A 102 -4.39 -12.73 -36.16
C GLU A 102 -3.76 -11.78 -35.17
N GLU A 103 -4.52 -11.40 -34.14
CA GLU A 103 -4.01 -10.49 -33.12
C GLU A 103 -2.81 -11.07 -32.36
N ILE A 104 -2.90 -12.35 -32.03
CA ILE A 104 -1.80 -13.04 -31.36
C ILE A 104 -0.53 -12.96 -32.23
N GLU A 105 -0.68 -13.24 -33.52
CA GLU A 105 0.45 -13.18 -34.44
C GLU A 105 1.04 -11.77 -34.47
N LEU A 106 0.18 -10.78 -34.60
CA LEU A 106 0.59 -9.38 -34.58
C LEU A 106 1.50 -9.12 -33.38
N LEU A 107 1.05 -9.50 -32.19
CA LEU A 107 1.83 -9.24 -30.98
C LEU A 107 3.14 -10.02 -31.01
N GLY A 108 3.09 -11.21 -31.57
CA GLY A 108 4.26 -12.06 -31.64
C GLY A 108 5.24 -11.53 -32.66
N ARG A 109 4.73 -11.10 -33.82
CA ARG A 109 5.58 -10.54 -34.87
C ARG A 109 6.20 -9.21 -34.43
N GLU A 110 5.36 -8.25 -34.03
CA GLU A 110 5.85 -6.96 -33.55
C GLU A 110 6.85 -7.08 -32.39
N GLY A 111 6.68 -8.07 -31.54
CA GLY A 111 7.67 -8.38 -30.51
C GLY A 111 8.00 -7.23 -29.57
N HIS A 112 9.27 -6.86 -29.51
CA HIS A 112 9.72 -5.77 -28.64
C HIS A 112 9.32 -4.38 -29.14
N ASN A 113 8.72 -4.32 -30.33
CA ASN A 113 8.15 -3.06 -30.79
C ASN A 113 6.90 -2.73 -29.97
N VAL A 114 6.29 -3.77 -29.39
CA VAL A 114 5.10 -3.60 -28.58
C VAL A 114 5.45 -3.07 -27.19
N THR A 115 4.72 -2.04 -26.75
CA THR A 115 4.91 -1.48 -25.42
C THR A 115 4.59 -2.52 -24.33
N LYS A 116 5.54 -2.76 -23.43
CA LYS A 116 5.25 -3.55 -22.23
C LYS A 116 4.41 -2.68 -21.29
N VAL A 117 3.25 -3.20 -20.90
CA VAL A 117 2.24 -2.37 -20.24
C VAL A 117 1.91 -2.87 -18.83
N SER A 118 2.31 -2.08 -17.85
CA SER A 118 1.91 -2.29 -16.45
C SER A 118 0.83 -1.26 -16.08
N ARG A 119 0.44 -1.21 -14.81
CA ARG A 119 -0.65 -0.32 -14.39
C ARG A 119 -0.43 1.14 -14.81
N ARG A 120 0.74 1.65 -14.53
CA ARG A 120 1.08 3.02 -14.83
C ARG A 120 1.08 3.34 -16.33
N ASP A 121 1.36 2.36 -17.17
CA ASP A 121 1.41 2.56 -18.63
C ASP A 121 0.04 2.54 -19.32
N LEU A 122 -0.90 1.83 -18.71
CA LEU A 122 -2.19 1.52 -19.31
C LEU A 122 -2.97 2.68 -19.91
N PRO A 123 -3.11 3.78 -19.14
CA PRO A 123 -3.94 4.87 -19.68
C PRO A 123 -3.40 5.45 -20.99
N PHE A 124 -2.08 5.43 -21.17
CA PHE A 124 -1.46 6.10 -22.32
C PHE A 124 -1.51 5.29 -23.61
N VAL A 125 -1.34 3.97 -23.49
CA VAL A 125 -1.43 3.10 -24.65
C VAL A 125 -2.86 3.12 -25.18
N VAL A 126 -3.83 3.07 -24.28
CA VAL A 126 -5.23 3.19 -24.70
C VAL A 126 -5.56 4.54 -25.35
N ALA A 127 -5.11 5.63 -24.73
CA ALA A 127 -5.40 6.96 -25.27
C ALA A 127 -4.76 7.18 -26.67
N ALA A 128 -3.58 6.59 -26.89
CA ALA A 128 -2.83 6.87 -28.10
C ALA A 128 -3.06 5.85 -29.22
N GLY A 129 -4.02 4.94 -29.01
CA GLY A 129 -4.42 4.00 -30.05
C GLY A 129 -3.35 2.98 -30.38
N LYS A 130 -2.50 2.67 -29.41
CA LYS A 130 -1.36 1.79 -29.65
C LYS A 130 -1.61 0.33 -29.25
N ASN A 131 -0.64 -0.52 -29.59
CA ASN A 131 -0.64 -1.90 -29.14
C ASN A 131 0.16 -2.04 -27.86
N GLY A 132 -0.25 -2.94 -26.98
CA GLY A 132 0.54 -3.19 -25.79
C GLY A 132 0.37 -4.62 -25.30
N ALA A 133 1.42 -5.13 -24.66
CA ALA A 133 1.43 -6.47 -24.13
C ALA A 133 1.38 -6.30 -22.64
N THR A 134 0.42 -6.98 -22.01
CA THR A 134 0.09 -6.71 -20.62
C THR A 134 0.86 -7.63 -19.68
N THR A 135 1.38 -7.04 -18.60
CA THR A 135 2.06 -7.74 -17.54
C THR A 135 1.02 -8.39 -16.64
N VAL A 136 1.46 -9.03 -15.57
CA VAL A 136 0.52 -9.64 -14.62
C VAL A 136 -0.38 -8.57 -14.01
N ALA A 137 0.20 -7.46 -13.58
CA ALA A 137 -0.60 -6.40 -12.98
C ALA A 137 -1.69 -5.94 -13.95
N SER A 138 -1.31 -5.61 -15.18
CA SER A 138 -2.26 -5.11 -16.17
C SER A 138 -3.30 -6.15 -16.54
N THR A 139 -2.87 -7.39 -16.73
CA THR A 139 -3.81 -8.46 -17.06
C THR A 139 -4.85 -8.68 -15.96
N MET A 140 -4.41 -8.68 -14.70
CA MET A 140 -5.34 -8.78 -13.57
C MET A 140 -6.40 -7.70 -13.63
N ILE A 141 -5.94 -6.46 -13.80
CA ILE A 141 -6.84 -5.32 -13.92
C ILE A 141 -7.92 -5.56 -14.96
N ILE A 142 -7.49 -5.95 -16.17
CA ILE A 142 -8.42 -6.09 -17.27
C ILE A 142 -9.35 -7.29 -17.05
N ALA A 143 -8.78 -8.40 -16.56
CA ALA A 143 -9.56 -9.56 -16.19
C ALA A 143 -10.66 -9.18 -15.20
N ALA A 144 -10.28 -8.52 -14.12
CA ALA A 144 -11.26 -8.08 -13.13
C ALA A 144 -12.38 -7.25 -13.75
N LEU A 145 -12.02 -6.29 -14.60
CA LEU A 145 -13.04 -5.53 -15.33
C LEU A 145 -14.00 -6.47 -16.04
N ALA A 146 -13.49 -7.61 -16.52
CA ALA A 146 -14.34 -8.53 -17.26
C ALA A 146 -15.06 -9.55 -16.35
N GLY A 147 -14.77 -9.54 -15.06
CA GLY A 147 -15.33 -10.53 -14.16
C GLY A 147 -14.67 -11.91 -14.28
N ILE A 148 -13.42 -11.94 -14.72
CA ILE A 148 -12.67 -13.19 -14.80
C ILE A 148 -11.80 -13.33 -13.56
N LYS A 149 -11.99 -14.42 -12.82
CA LYS A 149 -11.32 -14.57 -11.53
C LYS A 149 -10.07 -15.44 -11.53
N VAL A 150 -9.76 -16.08 -12.65
CA VAL A 150 -8.63 -16.99 -12.69
C VAL A 150 -7.72 -16.65 -13.88
N PHE A 151 -6.41 -16.65 -13.64
CA PHE A 151 -5.45 -16.13 -14.58
C PHE A 151 -4.21 -17.03 -14.52
N ALA A 152 -3.78 -17.56 -15.66
CA ALA A 152 -2.61 -18.42 -15.70
C ALA A 152 -1.45 -17.70 -16.35
N THR A 153 -0.26 -17.86 -15.79
CA THR A 153 0.93 -17.21 -16.30
C THR A 153 2.14 -18.09 -16.07
N GLY A 154 3.32 -17.65 -16.51
CA GLY A 154 4.53 -18.36 -16.19
C GLY A 154 4.98 -18.16 -14.76
N GLY A 155 5.37 -16.92 -14.46
CA GLY A 155 5.73 -16.60 -13.09
C GLY A 155 5.41 -15.15 -12.84
N ILE A 156 5.12 -14.79 -11.59
CA ILE A 156 4.81 -13.39 -11.31
C ILE A 156 6.06 -12.54 -11.17
N GLY A 157 5.93 -11.24 -11.39
CA GLY A 157 6.94 -10.29 -10.96
C GLY A 157 7.00 -10.28 -9.44
N GLY A 158 7.99 -9.59 -8.88
CA GLY A 158 8.28 -9.71 -7.45
C GLY A 158 9.23 -8.65 -6.95
N VAL A 159 9.85 -8.93 -5.80
CA VAL A 159 10.93 -8.09 -5.30
C VAL A 159 12.23 -8.51 -5.99
N HIS A 160 12.93 -7.55 -6.58
CA HIS A 160 14.17 -7.84 -7.29
C HIS A 160 15.35 -7.99 -6.36
N ARG A 161 16.36 -8.74 -6.80
CA ARG A 161 17.62 -8.80 -6.09
C ARG A 161 18.19 -7.40 -5.95
N GLY A 162 18.61 -7.06 -4.72
CA GLY A 162 19.16 -5.76 -4.40
C GLY A 162 18.14 -4.70 -4.06
N ALA A 163 16.86 -5.07 -4.05
CA ALA A 163 15.79 -4.08 -3.87
C ALA A 163 15.79 -3.41 -2.48
N GLU A 164 16.45 -4.01 -1.50
CA GLU A 164 16.55 -3.35 -0.21
C GLU A 164 17.34 -2.04 -0.37
N HIS A 165 18.25 -2.02 -1.33
CA HIS A 165 18.91 -0.80 -1.79
C HIS A 165 18.24 -0.01 -2.93
N THR A 166 17.69 -0.72 -3.93
CA THR A 166 17.19 -0.06 -5.15
C THR A 166 15.70 0.26 -5.18
N PHE A 167 14.94 -0.31 -4.26
CA PHE A 167 13.47 -0.22 -4.28
C PHE A 167 12.81 -0.78 -5.54
N ASP A 168 13.49 -1.66 -6.28
CA ASP A 168 12.89 -2.17 -7.51
C ASP A 168 12.00 -3.33 -7.10
N ILE A 169 10.70 -3.09 -7.17
CA ILE A 169 9.69 -4.01 -6.71
C ILE A 169 8.53 -3.97 -7.69
N SER A 170 8.14 -5.12 -8.22
CA SER A 170 7.14 -5.16 -9.27
C SER A 170 5.80 -4.61 -8.85
N ALA A 171 5.15 -3.88 -9.75
CA ALA A 171 3.77 -3.45 -9.51
C ALA A 171 2.83 -4.65 -9.45
N ASP A 172 3.31 -5.82 -9.88
CA ASP A 172 2.50 -7.05 -9.73
C ASP A 172 2.10 -7.29 -8.27
N LEU A 173 3.00 -7.00 -7.33
CA LEU A 173 2.73 -7.25 -5.92
C LEU A 173 1.61 -6.36 -5.41
N GLN A 174 1.57 -5.11 -5.88
CA GLN A 174 0.53 -4.19 -5.45
C GLN A 174 -0.79 -4.56 -6.11
N GLU A 175 -0.73 -5.07 -7.34
CA GLU A 175 -1.97 -5.53 -7.97
C GLU A 175 -2.56 -6.71 -7.19
N LEU A 176 -1.69 -7.65 -6.82
CA LEU A 176 -2.13 -8.80 -6.03
C LEU A 176 -2.71 -8.38 -4.70
N ALA A 177 -2.17 -7.30 -4.14
CA ALA A 177 -2.73 -6.78 -2.90
C ALA A 177 -4.16 -6.31 -3.08
N ASN A 178 -4.43 -5.63 -4.19
CA ASN A 178 -5.72 -4.95 -4.38
C ASN A 178 -6.71 -5.42 -5.46
N THR A 179 -6.48 -6.54 -6.15
CA THR A 179 -7.40 -6.85 -7.23
C THR A 179 -7.80 -8.32 -7.17
N ASN A 180 -9.07 -8.64 -7.35
CA ASN A 180 -9.50 -9.97 -6.98
C ASN A 180 -9.36 -10.92 -8.18
N VAL A 181 -8.21 -11.57 -8.25
CA VAL A 181 -7.92 -12.51 -9.31
C VAL A 181 -6.96 -13.52 -8.73
N THR A 182 -7.19 -14.79 -9.02
CA THR A 182 -6.25 -15.82 -8.63
C THR A 182 -5.26 -15.98 -9.78
N VAL A 183 -3.99 -15.89 -9.47
CA VAL A 183 -2.97 -15.98 -10.48
C VAL A 183 -2.22 -17.28 -10.28
N VAL A 184 -2.30 -18.16 -11.28
CA VAL A 184 -1.64 -19.46 -11.22
C VAL A 184 -0.29 -19.36 -11.93
N CYS A 185 0.77 -19.66 -11.19
CA CYS A 185 2.10 -19.51 -11.71
C CYS A 185 3.03 -20.57 -11.15
N ALA A 186 4.28 -20.56 -11.60
CA ALA A 186 5.31 -21.45 -11.09
C ALA A 186 6.06 -20.79 -9.95
N GLY A 187 5.38 -19.83 -9.33
CA GLY A 187 5.94 -19.02 -8.28
C GLY A 187 6.34 -17.69 -8.90
N ALA A 188 7.14 -16.92 -8.19
CA ALA A 188 7.72 -15.74 -8.80
C ALA A 188 8.89 -16.17 -9.68
N LYS A 189 9.19 -15.38 -10.72
CA LYS A 189 10.29 -15.71 -11.62
C LYS A 189 11.57 -15.72 -10.79
N SER A 190 12.45 -16.67 -11.05
CA SER A 190 13.53 -16.92 -10.10
C SER A 190 14.74 -16.01 -10.28
N ILE A 191 14.65 -15.07 -11.21
CA ILE A 191 15.64 -14.01 -11.35
C ILE A 191 15.51 -13.00 -10.21
N LEU A 192 14.43 -13.13 -9.44
CA LEU A 192 14.08 -12.18 -8.40
C LEU A 192 14.59 -12.61 -7.03
N ASP A 193 14.18 -11.89 -6.00
CA ASP A 193 14.53 -12.24 -4.62
C ASP A 193 13.31 -12.87 -3.96
N LEU A 194 13.35 -14.19 -3.78
CA LEU A 194 12.14 -14.91 -3.39
C LEU A 194 11.79 -14.69 -1.92
N GLY A 195 12.82 -14.64 -1.07
CA GLY A 195 12.63 -14.38 0.34
C GLY A 195 11.93 -13.05 0.61
N LEU A 196 12.50 -11.97 0.08
CA LEU A 196 11.86 -10.65 0.16
C LEU A 196 10.46 -10.64 -0.47
N THR A 197 10.27 -11.38 -1.55
CA THR A 197 8.94 -11.42 -2.16
C THR A 197 7.93 -12.09 -1.24
N THR A 198 8.33 -13.15 -0.54
CA THR A 198 7.40 -13.82 0.36
C THR A 198 7.03 -12.96 1.59
N GLU A 199 7.97 -12.15 2.07
CA GLU A 199 7.69 -11.20 3.16
C GLU A 199 6.69 -10.15 2.71
N TYR A 200 6.91 -9.65 1.50
CA TYR A 200 6.12 -8.58 0.92
C TYR A 200 4.65 -9.03 0.76
N LEU A 201 4.46 -10.22 0.20
CA LEU A 201 3.12 -10.80 0.05
C LEU A 201 2.41 -10.93 1.39
N GLU A 202 3.16 -11.31 2.43
CA GLU A 202 2.59 -11.42 3.74
C GLU A 202 2.11 -10.10 4.31
N THR A 203 2.93 -9.08 4.15
CA THR A 203 2.64 -7.74 4.62
C THR A 203 1.41 -7.19 3.95
N PHE A 204 1.24 -7.51 2.68
CA PHE A 204 0.12 -7.01 1.94
C PHE A 204 -1.07 -7.97 1.96
N GLY A 205 -0.99 -8.99 2.81
CA GLY A 205 -2.09 -9.94 2.99
C GLY A 205 -2.55 -10.73 1.78
N VAL A 206 -1.59 -11.14 0.94
CA VAL A 206 -1.86 -11.99 -0.17
C VAL A 206 -1.50 -13.44 0.12
N PRO A 207 -2.48 -14.33 0.04
CA PRO A 207 -2.19 -15.76 0.15
C PRO A 207 -1.18 -16.24 -0.88
N LEU A 208 -0.17 -16.98 -0.43
CA LEU A 208 0.67 -17.66 -1.38
C LEU A 208 0.43 -19.16 -1.19
N ILE A 209 -0.35 -19.74 -2.11
CA ILE A 209 -0.81 -21.11 -1.98
C ILE A 209 0.18 -22.02 -2.69
N GLY A 210 0.80 -22.94 -1.97
CA GLY A 210 1.49 -24.05 -2.62
C GLY A 210 0.55 -25.10 -3.16
N TYR A 211 0.60 -25.42 -4.45
CA TYR A 211 -0.27 -26.48 -4.94
C TYR A 211 0.50 -27.77 -4.82
N GLN A 212 0.06 -28.60 -3.87
CA GLN A 212 0.71 -29.87 -3.58
C GLN A 212 2.19 -29.69 -3.27
N THR A 213 2.52 -28.52 -2.71
CA THR A 213 3.88 -28.24 -2.26
C THR A 213 3.86 -27.26 -1.06
N LYS A 214 4.73 -27.50 -0.09
CA LYS A 214 5.04 -26.53 0.96
C LYS A 214 6.19 -25.59 0.56
N ALA A 215 7.22 -26.17 -0.03
CA ALA A 215 8.34 -25.40 -0.59
C ALA A 215 7.80 -24.52 -1.72
N LEU A 216 8.28 -23.29 -1.75
CA LEU A 216 7.92 -22.39 -2.81
C LEU A 216 8.73 -22.82 -4.03
N PRO A 217 8.05 -23.16 -5.09
CA PRO A 217 8.69 -23.43 -6.36
C PRO A 217 9.39 -22.19 -6.89
N ALA A 218 10.48 -22.36 -7.61
CA ALA A 218 11.22 -21.20 -8.04
C ALA A 218 11.41 -21.26 -9.54
N PHE A 219 10.29 -21.04 -10.24
CA PHE A 219 10.33 -21.04 -11.68
C PHE A 219 10.88 -22.37 -12.16
N PHE A 220 11.97 -22.27 -12.88
CA PHE A 220 12.54 -23.37 -13.59
C PHE A 220 12.79 -24.51 -12.64
N CYS A 221 13.01 -24.25 -11.35
CA CYS A 221 13.12 -25.30 -10.34
C CYS A 221 11.86 -25.57 -9.55
N ARG A 222 11.66 -26.81 -9.18
CA ARG A 222 10.58 -27.24 -8.31
C ARG A 222 10.57 -26.71 -6.87
N THR A 223 11.74 -26.54 -6.29
CA THR A 223 11.90 -26.11 -4.92
C THR A 223 12.81 -24.91 -4.74
N SER A 224 12.78 -24.40 -3.53
CA SER A 224 13.54 -23.26 -3.12
C SER A 224 13.74 -23.42 -1.63
N PRO A 225 14.60 -22.62 -1.04
CA PRO A 225 14.68 -22.64 0.42
C PRO A 225 13.48 -22.00 1.14
N PHE A 226 12.51 -21.51 0.41
CA PHE A 226 11.42 -20.76 0.98
C PHE A 226 10.05 -21.45 0.96
N ASP A 227 9.14 -21.00 1.81
CA ASP A 227 7.82 -21.61 1.93
C ASP A 227 6.69 -20.77 1.35
N VAL A 228 5.68 -21.45 0.85
CA VAL A 228 4.41 -20.79 0.58
C VAL A 228 3.75 -20.51 1.93
N SER A 229 2.62 -19.81 1.92
CA SER A 229 1.91 -19.50 3.15
C SER A 229 0.99 -20.65 3.58
N ILE A 230 0.48 -21.39 2.60
CA ILE A 230 -0.29 -22.58 2.88
C ILE A 230 -0.22 -23.60 1.74
N ARG A 231 -0.11 -24.88 2.08
CA ARG A 231 -0.19 -25.95 1.07
C ARG A 231 -1.65 -26.43 0.92
N LEU A 232 -2.15 -26.46 -0.32
CA LEU A 232 -3.44 -27.05 -0.63
C LEU A 232 -3.27 -28.09 -1.74
N ASP A 233 -3.93 -29.23 -1.58
CA ASP A 233 -3.72 -30.36 -2.48
C ASP A 233 -4.75 -30.50 -3.61
N SER A 234 -5.72 -29.60 -3.68
CA SER A 234 -6.72 -29.70 -4.74
C SER A 234 -7.23 -28.37 -5.23
N ALA A 235 -7.62 -28.34 -6.50
CA ALA A 235 -8.26 -27.17 -7.07
C ALA A 235 -9.53 -26.82 -6.30
N SER A 236 -10.23 -27.86 -5.84
CA SER A 236 -11.45 -27.68 -5.06
C SER A 236 -11.27 -26.82 -3.80
N GLU A 237 -10.22 -27.10 -3.02
CA GLU A 237 -9.96 -26.30 -1.83
C GLU A 237 -9.58 -24.87 -2.20
N ILE A 238 -8.91 -24.69 -3.31
CA ILE A 238 -8.48 -23.36 -3.71
C ILE A 238 -9.69 -22.49 -4.04
N ALA A 239 -10.62 -23.07 -4.80
CA ALA A 239 -11.83 -22.37 -5.21
C ALA A 239 -12.69 -22.02 -4.00
N ARG A 240 -12.77 -22.94 -3.05
CA ARG A 240 -13.53 -22.71 -1.82
C ARG A 240 -12.95 -21.50 -1.05
N ALA A 241 -11.62 -21.41 -0.98
CA ALA A 241 -10.95 -20.34 -0.27
C ALA A 241 -11.16 -18.98 -0.98
N MET A 242 -11.17 -19.01 -2.32
CA MET A 242 -11.49 -17.82 -3.12
C MET A 242 -12.87 -17.27 -2.79
N VAL A 243 -13.88 -18.13 -2.80
CA VAL A 243 -15.24 -17.72 -2.47
C VAL A 243 -15.28 -17.15 -1.05
N VAL A 244 -14.72 -17.88 -0.09
CA VAL A 244 -14.68 -17.40 1.27
C VAL A 244 -13.93 -16.05 1.39
N LYS A 245 -12.75 -15.95 0.78
CA LYS A 245 -11.95 -14.73 0.86
C LYS A 245 -12.77 -13.52 0.41
N TRP A 246 -13.35 -13.62 -0.79
CA TRP A 246 -14.05 -12.50 -1.38
C TRP A 246 -15.43 -12.25 -0.79
N GLN A 247 -16.10 -13.30 -0.31
CA GLN A 247 -17.38 -13.09 0.38
C GLN A 247 -17.20 -12.46 1.75
N SER A 248 -15.99 -12.49 2.27
CA SER A 248 -15.70 -11.92 3.58
C SER A 248 -15.20 -10.50 3.41
N GLY A 249 -15.20 -10.01 2.17
CA GLY A 249 -14.75 -8.66 1.88
C GLY A 249 -13.23 -8.44 1.88
N LEU A 250 -12.45 -9.51 1.70
CA LEU A 250 -11.01 -9.30 1.72
C LEU A 250 -10.58 -9.20 0.26
N ASN A 251 -10.44 -7.95 -0.16
CA ASN A 251 -10.11 -7.67 -1.54
C ASN A 251 -8.66 -8.00 -1.72
N GLY A 252 -8.27 -8.23 -2.97
CA GLY A 252 -6.94 -8.66 -3.32
C GLY A 252 -6.93 -10.04 -3.93
N GLY A 253 -5.80 -10.42 -4.50
CA GLY A 253 -5.74 -11.65 -5.27
C GLY A 253 -5.06 -12.76 -4.50
N LEU A 254 -4.83 -13.89 -5.17
CA LEU A 254 -4.21 -15.04 -4.52
C LEU A 254 -3.12 -15.50 -5.42
N VAL A 255 -1.99 -15.91 -4.87
CA VAL A 255 -0.98 -16.53 -5.69
C VAL A 255 -1.07 -18.05 -5.53
N VAL A 256 -1.23 -18.75 -6.65
CA VAL A 256 -1.11 -20.20 -6.62
C VAL A 256 0.21 -20.59 -7.29
N ALA A 257 1.15 -21.10 -6.49
CA ALA A 257 2.46 -21.53 -6.99
C ALA A 257 2.48 -23.03 -7.33
N ASN A 258 2.74 -23.30 -8.60
CA ASN A 258 2.59 -24.63 -9.18
C ASN A 258 3.91 -25.14 -9.73
N PRO A 259 4.49 -26.16 -9.10
CA PRO A 259 5.85 -26.52 -9.50
C PRO A 259 5.89 -27.06 -10.92
N ILE A 260 6.97 -26.74 -11.64
CA ILE A 260 7.18 -27.22 -12.98
C ILE A 260 7.25 -28.75 -12.98
N PRO A 261 6.65 -29.40 -13.99
CA PRO A 261 6.70 -30.87 -14.02
C PRO A 261 8.14 -31.37 -13.99
N GLU A 262 8.36 -32.47 -13.29
CA GLU A 262 9.70 -33.03 -13.11
C GLU A 262 10.49 -33.20 -14.40
N GLN A 263 9.81 -33.64 -15.46
CA GLN A 263 10.51 -33.96 -16.70
C GLN A 263 11.10 -32.72 -17.36
N PHE A 264 10.48 -31.57 -17.11
CA PHE A 264 10.97 -30.30 -17.65
C PHE A 264 11.75 -29.41 -16.70
N ALA A 265 11.90 -29.83 -15.45
CA ALA A 265 12.60 -29.02 -14.48
C ALA A 265 14.09 -28.92 -14.86
N MET A 266 14.77 -27.89 -14.35
CA MET A 266 16.17 -27.70 -14.66
C MET A 266 16.97 -27.96 -13.40
N PRO A 267 18.19 -28.50 -13.55
CA PRO A 267 19.05 -28.74 -12.39
C PRO A 267 19.36 -27.43 -11.63
N GLU A 268 19.24 -27.47 -10.31
CA GLU A 268 19.46 -26.31 -9.47
C GLU A 268 20.76 -25.57 -9.83
N HIS A 269 21.88 -26.26 -9.66
CA HIS A 269 23.19 -25.65 -9.84
C HIS A 269 23.39 -25.02 -11.21
N THR A 270 22.79 -25.62 -12.24
CA THR A 270 22.97 -25.11 -13.60
C THR A 270 22.15 -23.84 -13.87
N ILE A 271 20.90 -23.84 -13.47
CA ILE A 271 20.08 -22.67 -13.72
C ILE A 271 20.47 -21.50 -12.78
N ASN A 272 20.81 -21.81 -11.54
CA ASN A 272 21.22 -20.77 -10.57
C ASN A 272 22.51 -20.07 -10.96
N ALA A 273 23.40 -20.79 -11.65
CA ALA A 273 24.62 -20.21 -12.18
C ALA A 273 24.30 -19.19 -13.29
N ALA A 274 23.49 -19.61 -14.27
CA ALA A 274 23.11 -18.76 -15.39
C ALA A 274 22.38 -17.51 -14.92
N ILE A 275 21.52 -17.67 -13.92
CA ILE A 275 20.81 -16.53 -13.33
C ILE A 275 21.74 -15.56 -12.58
N ASP A 276 22.64 -16.10 -11.78
CA ASP A 276 23.56 -15.24 -11.03
C ASP A 276 24.41 -14.41 -11.99
N GLN A 277 24.86 -15.05 -13.07
CA GLN A 277 25.68 -14.35 -14.05
C GLN A 277 24.91 -13.27 -14.79
N ALA A 278 23.66 -13.59 -15.16
CA ALA A 278 22.80 -12.64 -15.84
C ALA A 278 22.52 -11.40 -14.96
N VAL A 279 22.29 -11.64 -13.67
CA VAL A 279 22.04 -10.56 -12.72
C VAL A 279 23.27 -9.68 -12.54
N ALA A 280 24.41 -10.31 -12.29
CA ALA A 280 25.66 -9.57 -12.12
C ALA A 280 25.94 -8.70 -13.33
N GLU A 281 25.60 -9.22 -14.51
CA GLU A 281 25.83 -8.50 -15.76
C GLU A 281 24.86 -7.33 -15.95
N ALA A 282 23.60 -7.55 -15.60
CA ALA A 282 22.62 -6.46 -15.68
C ALA A 282 23.07 -5.27 -14.83
N GLU A 283 23.57 -5.54 -13.64
CA GLU A 283 24.05 -4.49 -12.74
C GLU A 283 25.29 -3.78 -13.28
N ALA A 284 26.21 -4.55 -13.87
CA ALA A 284 27.41 -3.97 -14.46
C ALA A 284 27.05 -3.06 -15.64
N GLN A 285 25.99 -3.41 -16.36
CA GLN A 285 25.60 -2.67 -17.56
C GLN A 285 24.57 -1.59 -17.26
N GLY A 286 24.23 -1.43 -15.99
CA GLY A 286 23.25 -0.44 -15.59
C GLY A 286 21.87 -0.65 -16.18
N VAL A 287 21.40 -1.90 -16.16
CA VAL A 287 20.06 -2.22 -16.60
C VAL A 287 19.08 -1.99 -15.46
N ILE A 288 18.01 -1.24 -15.74
CA ILE A 288 17.05 -0.87 -14.71
C ILE A 288 15.66 -0.73 -15.30
N GLY A 289 14.66 -0.69 -14.42
CA GLY A 289 13.30 -0.44 -14.83
C GLY A 289 12.64 -1.66 -15.42
N LYS A 290 11.67 -1.42 -16.28
CA LYS A 290 10.89 -2.48 -16.92
C LYS A 290 11.72 -3.34 -17.87
N GLU A 291 12.90 -2.86 -18.29
CA GLU A 291 13.76 -3.64 -19.16
C GLU A 291 14.51 -4.76 -18.42
N SER A 292 14.46 -4.74 -17.09
CA SER A 292 15.26 -5.69 -16.31
C SER A 292 14.89 -7.15 -16.55
N THR A 293 13.64 -7.50 -16.30
CA THR A 293 13.19 -8.88 -16.49
C THR A 293 13.43 -9.40 -17.92
N PRO A 294 12.94 -8.69 -18.94
CA PRO A 294 13.20 -9.16 -20.31
C PRO A 294 14.70 -9.39 -20.59
N PHE A 295 15.54 -8.44 -20.15
CA PHE A 295 16.99 -8.56 -20.29
C PHE A 295 17.51 -9.83 -19.61
N LEU A 296 17.01 -10.11 -18.42
CA LEU A 296 17.55 -11.22 -17.64
C LEU A 296 17.14 -12.56 -18.24
N LEU A 297 15.85 -12.70 -18.55
CA LEU A 297 15.34 -13.93 -19.13
C LEU A 297 16.03 -14.26 -20.46
N ALA A 298 16.27 -13.22 -21.26
CA ALA A 298 16.94 -13.38 -22.55
C ALA A 298 18.38 -13.85 -22.37
N ARG A 299 19.05 -13.31 -21.36
CA ARG A 299 20.44 -13.70 -21.08
C ARG A 299 20.50 -15.12 -20.52
N VAL A 300 19.54 -15.49 -19.68
CA VAL A 300 19.51 -16.83 -19.13
C VAL A 300 19.31 -17.86 -20.25
N ALA A 301 18.42 -17.57 -21.20
CA ALA A 301 18.23 -18.44 -22.35
C ALA A 301 19.54 -18.63 -23.12
N GLU A 302 20.22 -17.53 -23.42
CA GLU A 302 21.56 -17.60 -24.03
C GLU A 302 22.44 -18.57 -23.26
N LEU A 303 22.70 -18.24 -22.01
CA LEU A 303 23.60 -19.01 -21.15
C LEU A 303 23.23 -20.49 -20.99
N THR A 304 21.93 -20.80 -21.03
CA THR A 304 21.47 -22.19 -20.98
C THR A 304 21.24 -22.83 -22.36
N GLY A 305 21.65 -22.13 -23.42
CA GLY A 305 21.54 -22.67 -24.76
C GLY A 305 20.09 -22.95 -25.15
N GLY A 306 19.18 -22.14 -24.63
CA GLY A 306 17.78 -22.23 -25.01
C GLY A 306 16.95 -23.11 -24.09
N ASP A 307 17.60 -23.73 -23.10
CA ASP A 307 16.87 -24.65 -22.23
C ASP A 307 15.90 -23.98 -21.26
N SER A 308 16.29 -22.83 -20.72
CA SER A 308 15.41 -22.12 -19.80
C SER A 308 14.13 -21.78 -20.53
N LEU A 309 14.26 -21.48 -21.81
CA LEU A 309 13.08 -21.12 -22.58
C LEU A 309 12.19 -22.36 -22.72
N LYS A 310 12.79 -23.49 -23.06
CA LYS A 310 12.01 -24.71 -23.17
C LYS A 310 11.25 -25.01 -21.87
N SER A 311 11.89 -24.76 -20.73
CA SER A 311 11.25 -24.97 -19.43
C SER A 311 10.13 -23.97 -19.16
N ASN A 312 10.39 -22.71 -19.51
CA ASN A 312 9.39 -21.65 -19.35
C ASN A 312 8.10 -22.00 -20.09
N ILE A 313 8.26 -22.58 -21.28
CA ILE A 313 7.12 -22.99 -22.09
C ILE A 313 6.34 -24.10 -21.40
N GLN A 314 7.04 -25.14 -20.97
CA GLN A 314 6.37 -26.25 -20.29
C GLN A 314 5.69 -25.84 -18.98
N LEU A 315 6.31 -24.96 -18.20
CA LEU A 315 5.64 -24.54 -16.96
C LEU A 315 4.35 -23.76 -17.24
N VAL A 316 4.32 -23.05 -18.36
CA VAL A 316 3.12 -22.30 -18.74
C VAL A 316 1.95 -23.23 -19.11
N PHE A 317 2.24 -24.30 -19.85
CA PHE A 317 1.22 -25.31 -20.14
C PHE A 317 0.72 -25.91 -18.83
N ASN A 318 1.65 -26.26 -17.94
CA ASN A 318 1.27 -26.87 -16.67
C ASN A 318 0.33 -25.95 -15.88
N ASN A 319 0.67 -24.67 -15.83
CA ASN A 319 -0.16 -23.71 -15.11
C ASN A 319 -1.54 -23.54 -15.75
N ALA A 320 -1.57 -23.54 -17.08
CA ALA A 320 -2.81 -23.43 -17.82
C ALA A 320 -3.74 -24.59 -17.44
N ILE A 321 -3.16 -25.78 -17.29
CA ILE A 321 -3.94 -26.95 -16.92
C ILE A 321 -4.53 -26.81 -15.51
N LEU A 322 -3.68 -26.54 -14.52
CA LEU A 322 -4.15 -26.28 -13.16
C LEU A 322 -5.14 -25.13 -13.10
N ALA A 323 -4.86 -24.04 -13.81
CA ALA A 323 -5.77 -22.89 -13.82
C ALA A 323 -7.16 -23.28 -14.33
N SER A 324 -7.20 -24.15 -15.34
CA SER A 324 -8.47 -24.60 -15.90
C SER A 324 -9.31 -25.33 -14.86
N GLU A 325 -8.67 -26.21 -14.07
CA GLU A 325 -9.37 -26.90 -12.97
C GLU A 325 -9.85 -25.92 -11.90
N ILE A 326 -9.01 -24.96 -11.54
CA ILE A 326 -9.41 -23.99 -10.52
C ILE A 326 -10.61 -23.20 -11.05
N ALA A 327 -10.59 -22.81 -12.32
CA ALA A 327 -11.71 -22.02 -12.85
C ALA A 327 -13.00 -22.83 -12.84
N LYS A 328 -12.89 -24.09 -13.28
CA LYS A 328 -13.98 -25.05 -13.19
C LYS A 328 -14.55 -25.14 -11.79
N GLU A 329 -13.67 -25.37 -10.81
CA GLU A 329 -14.12 -25.49 -9.41
C GLU A 329 -14.66 -24.17 -8.85
N TYR A 330 -14.09 -23.04 -9.27
CA TYR A 330 -14.62 -21.77 -8.82
C TYR A 330 -15.98 -21.48 -9.45
N GLN A 331 -16.08 -21.68 -10.76
CA GLN A 331 -17.33 -21.41 -11.47
C GLN A 331 -18.48 -22.28 -10.95
N ARG A 332 -18.15 -23.52 -10.59
CA ARG A 332 -19.10 -24.42 -9.95
C ARG A 332 -19.74 -23.80 -8.69
N LEU A 333 -18.93 -23.15 -7.87
CA LEU A 333 -19.44 -22.51 -6.68
C LEU A 333 -20.09 -21.16 -6.96
N ALA A 334 -19.49 -20.40 -7.86
CA ALA A 334 -19.81 -18.98 -8.04
C ALA A 334 -21.14 -18.67 -8.70
N GLY A 335 -21.41 -19.28 -9.85
CA GLY A 335 -22.58 -18.92 -10.63
C GLY A 335 -22.95 -19.88 -11.75
N LYS B 28 -23.40 -7.44 4.20
CA LYS B 28 -24.24 -8.55 4.66
C LYS B 28 -23.57 -9.92 4.47
N ILE B 29 -22.79 -10.32 5.46
CA ILE B 29 -21.99 -11.55 5.40
C ILE B 29 -22.80 -12.80 5.74
N SER B 30 -22.52 -13.89 5.03
CA SER B 30 -23.19 -15.16 5.30
C SER B 30 -23.04 -15.54 6.77
N PRO B 31 -24.14 -15.97 7.40
CA PRO B 31 -24.06 -16.48 8.77
C PRO B 31 -23.15 -17.71 8.89
N GLU B 32 -22.85 -18.40 7.79
CA GLU B 32 -21.87 -19.49 7.81
C GLU B 32 -20.44 -19.00 8.04
N LEU B 33 -20.14 -17.80 7.58
CA LEU B 33 -18.82 -17.18 7.79
C LEU B 33 -18.64 -16.40 9.10
N LEU B 34 -19.69 -15.69 9.52
CA LEU B 34 -19.59 -14.73 10.60
C LEU B 34 -20.76 -14.82 11.58
N GLN B 35 -20.43 -15.00 12.85
CA GLN B 35 -21.46 -15.10 13.88
C GLN B 35 -21.19 -14.15 15.04
N ILE B 36 -22.16 -13.31 15.36
CA ILE B 36 -22.02 -12.38 16.47
C ILE B 36 -22.85 -12.86 17.65
N SER B 37 -22.26 -12.83 18.85
CA SER B 37 -22.96 -13.33 20.03
C SER B 37 -24.19 -12.48 20.36
N PRO B 38 -25.24 -13.15 20.88
CA PRO B 38 -26.49 -12.46 21.21
C PRO B 38 -26.28 -11.23 22.08
N GLU B 39 -25.43 -11.31 23.11
CA GLU B 39 -25.11 -10.13 23.89
C GLU B 39 -24.50 -9.02 23.02
N VAL B 40 -23.45 -9.35 22.26
CA VAL B 40 -22.79 -8.34 21.43
C VAL B 40 -23.76 -7.74 20.43
N GLN B 41 -24.54 -8.59 19.77
CA GLN B 41 -25.53 -8.11 18.82
C GLN B 41 -26.55 -7.19 19.50
N ASP B 42 -26.97 -7.55 20.71
CA ASP B 42 -27.90 -6.70 21.48
C ASP B 42 -27.29 -5.33 21.79
N ALA B 43 -26.03 -5.33 22.23
CA ALA B 43 -25.32 -4.10 22.55
C ALA B 43 -25.17 -3.16 21.34
N LEU B 44 -24.78 -3.71 20.20
CA LEU B 44 -24.63 -2.95 18.96
C LEU B 44 -25.95 -2.32 18.51
N LYS B 45 -27.04 -3.07 18.63
CA LYS B 45 -28.37 -2.60 18.27
C LYS B 45 -28.80 -1.46 19.18
N ASN B 46 -28.52 -1.60 20.46
CA ASN B 46 -28.92 -0.60 21.45
C ASN B 46 -27.86 0.48 21.63
N LYS B 47 -26.83 0.45 20.79
CA LYS B 47 -25.83 1.51 20.76
C LYS B 47 -25.03 1.59 22.07
N LYS B 48 -24.78 0.44 22.68
CA LYS B 48 -23.91 0.39 23.86
C LYS B 48 -22.47 0.32 23.38
N PRO B 49 -21.53 0.88 24.15
CA PRO B 49 -20.13 0.79 23.75
C PRO B 49 -19.59 -0.65 23.80
N VAL B 50 -18.96 -1.08 22.71
CA VAL B 50 -18.36 -2.40 22.61
C VAL B 50 -16.86 -2.28 22.35
N VAL B 51 -16.07 -3.06 23.08
CA VAL B 51 -14.62 -3.17 22.82
C VAL B 51 -14.25 -4.56 22.30
N ALA B 52 -13.59 -4.61 21.14
CA ALA B 52 -13.15 -5.87 20.58
C ALA B 52 -11.86 -6.30 21.26
N LEU B 53 -11.64 -7.61 21.33
CA LEU B 53 -10.40 -8.20 21.85
C LEU B 53 -9.88 -9.26 20.86
N GLU B 54 -8.57 -9.36 20.72
CA GLU B 54 -7.91 -10.37 19.88
C GLU B 54 -7.76 -11.72 20.59
N SER B 55 -7.57 -12.78 19.82
CA SER B 55 -7.28 -14.08 20.43
C SER B 55 -5.82 -14.60 20.37
N THR B 56 -4.96 -13.94 19.59
CA THR B 56 -3.58 -14.39 19.43
C THR B 56 -2.81 -14.31 20.75
N ILE B 57 -3.18 -13.33 21.57
CA ILE B 57 -2.55 -13.15 22.86
C ILE B 57 -2.90 -14.32 23.78
N ILE B 58 -4.02 -14.98 23.48
CA ILE B 58 -4.47 -16.14 24.23
C ILE B 58 -3.66 -17.42 23.86
N SER B 59 -3.75 -17.83 22.60
CA SER B 59 -3.07 -19.03 22.12
C SER B 59 -1.54 -18.90 21.99
N HIS B 60 -1.09 -17.76 21.48
CA HIS B 60 0.31 -17.56 21.10
C HIS B 60 1.11 -16.62 22.01
N GLY B 61 0.64 -15.39 22.17
CA GLY B 61 1.30 -14.41 23.02
C GLY B 61 1.58 -14.77 24.47
N MET B 62 0.82 -15.72 25.03
CA MET B 62 0.97 -16.07 26.45
C MET B 62 0.74 -17.55 26.71
N PRO B 63 1.38 -18.08 27.77
CA PRO B 63 1.23 -19.47 28.21
C PRO B 63 -0.04 -19.77 29.04
N PHE B 64 -0.44 -21.03 29.03
CA PHE B 64 -1.57 -21.52 29.81
C PHE B 64 -1.06 -21.85 31.20
N PRO B 65 -1.91 -21.68 32.24
CA PRO B 65 -3.28 -21.14 32.36
C PRO B 65 -3.38 -19.62 32.26
N GLN B 66 -2.26 -18.94 32.45
CA GLN B 66 -2.23 -17.48 32.55
C GLN B 66 -2.84 -16.77 31.33
N ASN B 67 -2.93 -17.46 30.20
CA ASN B 67 -3.53 -16.87 28.99
C ASN B 67 -5.07 -16.75 29.01
N ALA B 68 -5.75 -17.85 29.32
CA ALA B 68 -7.21 -17.82 29.41
C ALA B 68 -7.64 -17.00 30.62
N GLN B 69 -6.94 -17.19 31.74
CA GLN B 69 -7.23 -16.44 32.94
C GLN B 69 -7.18 -14.95 32.62
N THR B 70 -6.11 -14.53 31.95
CA THR B 70 -5.97 -13.14 31.58
C THR B 70 -7.12 -12.69 30.67
N ALA B 71 -7.40 -13.47 29.63
CA ALA B 71 -8.45 -13.11 28.66
C ALA B 71 -9.83 -12.97 29.29
N ILE B 72 -10.17 -13.87 30.21
CA ILE B 72 -11.46 -13.80 30.87
C ILE B 72 -11.56 -12.55 31.76
N GLU B 73 -10.48 -12.23 32.47
CA GLU B 73 -10.48 -11.09 33.40
C GLU B 73 -10.44 -9.76 32.65
N VAL B 74 -9.91 -9.78 31.43
CA VAL B 74 -9.95 -8.62 30.56
C VAL B 74 -11.41 -8.29 30.23
N GLU B 75 -12.17 -9.30 29.84
CA GLU B 75 -13.59 -9.11 29.55
C GLU B 75 -14.33 -8.53 30.76
N GLU B 76 -13.99 -9.02 31.94
CA GLU B 76 -14.61 -8.53 33.16
C GLU B 76 -14.27 -7.08 33.37
N THR B 77 -13.02 -6.73 33.07
CA THR B 77 -12.52 -5.37 33.28
C THR B 77 -13.32 -4.39 32.46
N ILE B 78 -13.55 -4.77 31.21
CA ILE B 78 -14.31 -3.95 30.27
C ILE B 78 -15.73 -3.73 30.78
N ARG B 79 -16.31 -4.79 31.34
CA ARG B 79 -17.66 -4.71 31.91
C ARG B 79 -17.71 -3.76 33.11
N LYS B 80 -16.70 -3.84 33.97
CA LYS B 80 -16.62 -2.94 35.11
C LYS B 80 -16.47 -1.48 34.70
N GLN B 81 -16.04 -1.24 33.46
CA GLN B 81 -15.90 0.13 32.92
C GLN B 81 -17.13 0.58 32.16
N GLY B 82 -18.20 -0.21 32.20
CA GLY B 82 -19.44 0.18 31.56
C GLY B 82 -19.51 -0.13 30.07
N ALA B 83 -18.64 -1.01 29.58
CA ALA B 83 -18.70 -1.37 28.18
C ALA B 83 -18.91 -2.87 28.03
N VAL B 84 -19.06 -3.32 26.79
CA VAL B 84 -19.36 -4.70 26.50
C VAL B 84 -18.22 -5.33 25.72
N PRO B 85 -17.54 -6.33 26.30
CA PRO B 85 -16.39 -6.91 25.61
C PRO B 85 -16.80 -7.83 24.47
N ALA B 86 -16.03 -7.87 23.39
CA ALA B 86 -16.25 -8.89 22.37
C ALA B 86 -14.92 -9.52 21.98
N THR B 87 -14.68 -10.72 22.45
CA THR B 87 -13.45 -11.40 22.08
C THR B 87 -13.70 -12.01 20.71
N ILE B 88 -12.67 -11.98 19.87
CA ILE B 88 -12.80 -12.38 18.47
C ILE B 88 -11.86 -13.53 18.15
N ALA B 89 -12.40 -14.56 17.52
CA ALA B 89 -11.58 -15.69 17.05
C ALA B 89 -12.28 -16.46 15.94
N ILE B 90 -11.60 -17.47 15.40
CA ILE B 90 -12.22 -18.37 14.45
C ILE B 90 -12.50 -19.69 15.17
N ILE B 91 -13.77 -20.07 15.22
CA ILE B 91 -14.17 -21.26 15.95
C ILE B 91 -14.84 -22.20 14.95
N GLY B 92 -14.25 -23.36 14.72
CA GLY B 92 -14.81 -24.34 13.80
C GLY B 92 -15.12 -23.73 12.43
N GLY B 93 -14.28 -22.80 12.00
CA GLY B 93 -14.37 -22.25 10.67
C GLY B 93 -15.25 -21.01 10.57
N VAL B 94 -15.82 -20.62 11.71
CA VAL B 94 -16.72 -19.47 11.80
C VAL B 94 -16.00 -18.29 12.45
N MET B 95 -16.09 -17.11 11.86
CA MET B 95 -15.51 -15.93 12.51
C MET B 95 -16.50 -15.51 13.61
N LYS B 96 -16.05 -15.58 14.87
CA LYS B 96 -16.94 -15.30 15.99
C LYS B 96 -16.64 -13.98 16.71
N VAL B 97 -17.68 -13.20 16.92
CA VAL B 97 -17.56 -11.97 17.69
C VAL B 97 -18.33 -12.20 18.98
N GLY B 98 -17.55 -12.35 20.05
CA GLY B 98 -17.99 -12.73 21.38
C GLY B 98 -17.83 -14.24 21.55
N LEU B 99 -17.29 -14.62 22.68
CA LEU B 99 -16.90 -16.00 22.89
C LEU B 99 -17.30 -16.36 24.30
N SER B 100 -17.55 -17.64 24.54
CA SER B 100 -17.81 -18.13 25.89
C SER B 100 -16.47 -18.37 26.58
N LYS B 101 -16.54 -18.70 27.87
CA LYS B 101 -15.31 -18.91 28.63
C LYS B 101 -14.64 -20.22 28.24
N GLU B 102 -15.45 -21.20 27.84
CA GLU B 102 -14.91 -22.49 27.42
C GLU B 102 -14.12 -22.32 26.12
N GLU B 103 -14.73 -21.65 25.14
CA GLU B 103 -14.07 -21.36 23.87
C GLU B 103 -12.78 -20.61 24.10
N ILE B 104 -12.83 -19.62 24.98
CA ILE B 104 -11.62 -18.92 25.39
C ILE B 104 -10.59 -19.90 25.94
N GLU B 105 -11.06 -20.84 26.76
CA GLU B 105 -10.18 -21.81 27.43
C GLU B 105 -9.65 -22.87 26.46
N LEU B 106 -10.52 -23.33 25.55
CA LEU B 106 -10.10 -24.17 24.45
C LEU B 106 -8.93 -23.51 23.70
N LEU B 107 -9.12 -22.26 23.30
CA LEU B 107 -8.07 -21.53 22.59
C LEU B 107 -6.79 -21.45 23.43
N GLY B 108 -6.97 -21.27 24.74
CA GLY B 108 -5.86 -21.16 25.66
C GLY B 108 -5.14 -22.48 25.91
N ARG B 109 -5.90 -23.58 25.97
CA ARG B 109 -5.31 -24.91 26.16
C ARG B 109 -4.68 -25.50 24.89
N GLU B 110 -5.43 -25.45 23.79
CA GLU B 110 -4.92 -25.98 22.53
C GLU B 110 -3.63 -25.25 22.17
N GLY B 111 -3.53 -24.01 22.63
CA GLY B 111 -2.32 -23.23 22.47
C GLY B 111 -1.81 -23.10 21.05
N HIS B 112 -0.54 -23.42 20.84
CA HIS B 112 0.11 -23.29 19.54
C HIS B 112 -0.44 -24.28 18.48
N ASN B 113 -1.27 -25.22 18.93
CA ASN B 113 -2.03 -26.04 18.00
C ASN B 113 -3.12 -25.25 17.26
N VAL B 114 -3.51 -24.09 17.79
CA VAL B 114 -4.46 -23.21 17.11
C VAL B 114 -3.67 -22.43 16.07
N THR B 115 -4.23 -22.26 14.87
CA THR B 115 -3.52 -21.49 13.85
C THR B 115 -3.50 -20.00 14.18
N LYS B 116 -2.32 -19.39 14.08
CA LYS B 116 -2.21 -17.93 14.17
C LYS B 116 -2.69 -17.34 12.84
N VAL B 117 -3.72 -16.50 12.91
CA VAL B 117 -4.41 -16.06 11.71
C VAL B 117 -4.25 -14.56 11.43
N SER B 118 -3.47 -14.20 10.41
CA SER B 118 -3.45 -12.82 9.89
C SER B 118 -4.34 -12.72 8.65
N ARG B 119 -4.29 -11.58 7.95
CA ARG B 119 -5.15 -11.38 6.78
C ARG B 119 -5.00 -12.48 5.73
N ARG B 120 -3.78 -12.88 5.44
CA ARG B 120 -3.49 -13.88 4.44
C ARG B 120 -3.96 -15.31 4.80
N ASP B 121 -4.07 -15.60 6.07
CA ASP B 121 -4.52 -16.91 6.58
C ASP B 121 -6.04 -17.05 6.72
N LEU B 122 -6.71 -15.92 6.93
CA LEU B 122 -8.13 -15.91 7.28
C LEU B 122 -9.03 -16.80 6.41
N PRO B 123 -8.94 -16.67 5.08
CA PRO B 123 -9.85 -17.42 4.22
C PRO B 123 -9.75 -18.94 4.38
N PHE B 124 -8.53 -19.43 4.61
CA PHE B 124 -8.26 -20.88 4.68
C PHE B 124 -8.73 -21.56 5.99
N VAL B 125 -8.63 -20.86 7.10
CA VAL B 125 -9.12 -21.42 8.36
C VAL B 125 -10.65 -21.46 8.36
N VAL B 126 -11.25 -20.39 7.86
CA VAL B 126 -12.70 -20.34 7.69
C VAL B 126 -13.17 -21.43 6.70
N ALA B 127 -12.49 -21.55 5.56
CA ALA B 127 -12.85 -22.55 4.56
C ALA B 127 -12.76 -23.99 5.06
N ALA B 128 -11.73 -24.31 5.84
CA ALA B 128 -11.48 -25.70 6.24
C ALA B 128 -12.17 -26.06 7.54
N GLY B 129 -12.89 -25.10 8.12
CA GLY B 129 -13.61 -25.31 9.37
C GLY B 129 -12.70 -25.45 10.59
N LYS B 130 -11.57 -24.76 10.60
CA LYS B 130 -10.62 -24.93 11.68
C LYS B 130 -10.76 -23.84 12.74
N ASN B 131 -9.99 -23.96 13.82
CA ASN B 131 -9.92 -22.94 14.85
C ASN B 131 -8.74 -22.04 14.55
N GLY B 132 -8.86 -20.75 14.83
CA GLY B 132 -7.72 -19.86 14.71
C GLY B 132 -7.76 -18.66 15.63
N ALA B 133 -6.58 -18.18 15.99
CA ALA B 133 -6.42 -17.08 16.91
C ALA B 133 -6.01 -15.87 16.09
N THR B 134 -6.77 -14.80 16.21
CA THR B 134 -6.62 -13.66 15.33
C THR B 134 -5.60 -12.66 15.84
N THR B 135 -4.71 -12.24 14.94
CA THR B 135 -3.78 -11.13 15.22
C THR B 135 -4.56 -9.81 15.19
N VAL B 136 -3.84 -8.71 15.39
CA VAL B 136 -4.46 -7.39 15.29
C VAL B 136 -5.08 -7.22 13.91
N ALA B 137 -4.34 -7.62 12.86
CA ALA B 137 -4.84 -7.43 11.50
C ALA B 137 -6.20 -8.10 11.28
N SER B 138 -6.29 -9.40 11.55
CA SER B 138 -7.56 -10.10 11.31
C SER B 138 -8.66 -9.73 12.32
N THR B 139 -8.27 -9.38 13.54
CA THR B 139 -9.23 -8.87 14.50
C THR B 139 -9.85 -7.54 14.02
N MET B 140 -9.03 -6.64 13.48
CA MET B 140 -9.55 -5.38 12.93
C MET B 140 -10.55 -5.68 11.82
N ILE B 141 -10.19 -6.62 10.95
CA ILE B 141 -11.07 -7.02 9.85
C ILE B 141 -12.43 -7.47 10.35
N ILE B 142 -12.42 -8.41 11.29
CA ILE B 142 -13.66 -8.95 11.83
C ILE B 142 -14.46 -7.92 12.60
N ALA B 143 -13.78 -7.11 13.41
CA ALA B 143 -14.47 -6.05 14.14
C ALA B 143 -15.18 -5.14 13.16
N ALA B 144 -14.49 -4.75 12.09
CA ALA B 144 -15.04 -3.80 11.13
C ALA B 144 -16.30 -4.39 10.50
N LEU B 145 -16.26 -5.69 10.22
CA LEU B 145 -17.41 -6.39 9.70
C LEU B 145 -18.59 -6.34 10.66
N ALA B 146 -18.29 -6.37 11.96
CA ALA B 146 -19.33 -6.34 12.98
C ALA B 146 -19.75 -4.93 13.38
N GLY B 147 -19.01 -3.93 12.92
CA GLY B 147 -19.34 -2.54 13.24
C GLY B 147 -18.74 -2.06 14.54
N ILE B 148 -17.73 -2.76 15.04
CA ILE B 148 -17.04 -2.35 16.25
C ILE B 148 -15.85 -1.43 15.95
N LYS B 149 -15.84 -0.24 16.53
CA LYS B 149 -14.82 0.75 16.19
C LYS B 149 -13.61 0.77 17.13
N VAL B 150 -13.70 0.08 18.24
CA VAL B 150 -12.67 0.18 19.26
C VAL B 150 -12.20 -1.21 19.65
N PHE B 151 -10.89 -1.39 19.65
CA PHE B 151 -10.26 -2.67 19.83
C PHE B 151 -9.12 -2.48 20.84
N ALA B 152 -9.13 -3.26 21.92
CA ALA B 152 -8.03 -3.23 22.89
C ALA B 152 -7.12 -4.45 22.75
N THR B 153 -5.81 -4.22 22.73
CA THR B 153 -4.83 -5.30 22.66
C THR B 153 -3.64 -4.94 23.54
N GLY B 154 -2.64 -5.81 23.60
CA GLY B 154 -1.39 -5.46 24.28
C GLY B 154 -0.51 -4.48 23.51
N GLY B 155 -0.05 -4.91 22.35
CA GLY B 155 0.75 -4.05 21.49
C GLY B 155 0.61 -4.55 20.06
N ILE B 156 0.74 -3.64 19.10
CA ILE B 156 0.59 -4.00 17.70
C ILE B 156 1.85 -4.61 17.10
N GLY B 157 1.70 -5.37 16.03
CA GLY B 157 2.85 -5.72 15.21
C GLY B 157 3.39 -4.48 14.54
N GLY B 158 4.47 -4.62 13.79
CA GLY B 158 5.15 -3.46 13.26
C GLY B 158 6.30 -3.89 12.39
N VAL B 159 7.26 -2.99 12.25
CA VAL B 159 8.45 -3.25 11.47
C VAL B 159 9.49 -3.94 12.33
N HIS B 160 9.90 -5.14 11.94
CA HIS B 160 10.90 -5.88 12.71
C HIS B 160 12.30 -5.29 12.60
N ARG B 161 13.12 -5.54 13.61
CA ARG B 161 14.51 -5.14 13.55
C ARG B 161 15.16 -5.87 12.39
N GLY B 162 15.95 -5.15 11.60
CA GLY B 162 16.58 -5.72 10.42
C GLY B 162 15.71 -5.70 9.16
N ALA B 163 14.49 -5.18 9.27
CA ALA B 163 13.54 -5.20 8.14
C ALA B 163 13.99 -4.44 6.88
N GLU B 164 14.89 -3.48 7.04
CA GLU B 164 15.48 -2.75 5.92
C GLU B 164 16.28 -3.73 5.03
N HIS B 165 16.56 -4.88 5.62
CA HIS B 165 17.27 -5.98 4.98
C HIS B 165 16.31 -7.14 4.68
N THR B 166 15.58 -7.58 5.70
CA THR B 166 14.67 -8.73 5.57
C THR B 166 13.28 -8.46 4.98
N PHE B 167 12.84 -7.20 5.01
CA PHE B 167 11.46 -6.82 4.64
C PHE B 167 10.37 -7.38 5.58
N ASP B 168 10.74 -7.74 6.81
CA ASP B 168 9.76 -8.37 7.69
C ASP B 168 8.97 -7.23 8.32
N ILE B 169 7.72 -7.11 7.88
CA ILE B 169 6.87 -6.00 8.29
C ILE B 169 5.48 -6.54 8.51
N SER B 170 4.98 -6.38 9.73
CA SER B 170 3.67 -6.94 10.08
C SER B 170 2.54 -6.45 9.20
N ALA B 171 1.68 -7.37 8.79
CA ALA B 171 0.44 -7.03 8.11
C ALA B 171 -0.49 -6.14 8.96
N ASP B 172 -0.28 -6.11 10.27
CA ASP B 172 -0.99 -5.14 11.13
C ASP B 172 -0.89 -3.70 10.59
N LEU B 173 0.27 -3.31 10.08
CA LEU B 173 0.49 -1.93 9.66
C LEU B 173 -0.35 -1.64 8.43
N GLN B 174 -0.44 -2.62 7.53
CA GLN B 174 -1.26 -2.43 6.35
C GLN B 174 -2.73 -2.39 6.70
N GLU B 175 -3.12 -3.18 7.71
CA GLU B 175 -4.52 -3.16 8.17
C GLU B 175 -4.88 -1.84 8.83
N LEU B 176 -3.94 -1.31 9.60
CA LEU B 176 -4.13 0.02 10.19
C LEU B 176 -4.23 1.06 9.08
N ALA B 177 -3.59 0.81 7.96
CA ALA B 177 -3.64 1.76 6.85
C ALA B 177 -5.03 1.82 6.23
N ASN B 178 -5.71 0.68 6.15
CA ASN B 178 -6.95 0.59 5.38
C ASN B 178 -8.28 0.21 6.07
N THR B 179 -8.30 0.05 7.38
CA THR B 179 -9.51 -0.49 8.03
C THR B 179 -9.88 0.40 9.21
N ASN B 180 -11.16 0.67 9.42
CA ASN B 180 -11.49 1.77 10.32
C ASN B 180 -11.78 1.23 11.71
N VAL B 181 -10.73 1.18 12.52
CA VAL B 181 -10.83 0.65 13.86
C VAL B 181 -9.76 1.39 14.62
N THR B 182 -10.09 1.82 15.83
CA THR B 182 -9.10 2.41 16.71
C THR B 182 -8.53 1.29 17.54
N VAL B 183 -7.20 1.17 17.51
CA VAL B 183 -6.55 0.13 18.27
C VAL B 183 -5.81 0.72 19.47
N VAL B 184 -6.25 0.34 20.66
CA VAL B 184 -5.63 0.81 21.90
C VAL B 184 -4.59 -0.20 22.35
N CYS B 185 -3.35 0.27 22.43
CA CYS B 185 -2.23 -0.60 22.78
C CYS B 185 -1.22 0.18 23.61
N ALA B 186 -0.17 -0.52 24.01
CA ALA B 186 0.94 0.02 24.78
C ALA B 186 2.04 0.44 23.83
N GLY B 187 1.66 0.65 22.57
CA GLY B 187 2.61 0.95 21.51
C GLY B 187 2.76 -0.28 20.64
N ALA B 188 3.78 -0.30 19.79
CA ALA B 188 4.18 -1.52 19.12
C ALA B 188 4.99 -2.34 20.12
N LYS B 189 4.96 -3.67 19.98
CA LYS B 189 5.72 -4.50 20.90
C LYS B 189 7.19 -4.12 20.75
N SER B 190 7.91 -4.02 21.86
CA SER B 190 9.26 -3.42 21.80
C SER B 190 10.34 -4.36 21.26
N ILE B 191 9.94 -5.58 20.93
CA ILE B 191 10.83 -6.50 20.20
C ILE B 191 11.05 -6.03 18.76
N LEU B 192 10.23 -5.06 18.33
CA LEU B 192 10.29 -4.50 16.99
C LEU B 192 11.28 -3.35 16.86
N ASP B 193 11.36 -2.79 15.66
CA ASP B 193 12.14 -1.56 15.43
C ASP B 193 11.15 -0.40 15.43
N LEU B 194 11.19 0.40 16.50
CA LEU B 194 10.15 1.39 16.73
C LEU B 194 10.29 2.61 15.83
N GLY B 195 11.52 3.06 15.64
CA GLY B 195 11.79 4.15 14.71
C GLY B 195 11.19 3.86 13.35
N LEU B 196 11.54 2.70 12.77
CA LEU B 196 11.06 2.36 11.43
C LEU B 196 9.54 2.26 11.44
N THR B 197 9.00 1.74 12.53
CA THR B 197 7.55 1.62 12.62
C THR B 197 6.90 3.01 12.60
N THR B 198 7.48 3.96 13.33
CA THR B 198 6.94 5.32 13.33
C THR B 198 6.96 5.92 11.93
N GLU B 199 8.06 5.74 11.19
CA GLU B 199 8.13 6.23 9.81
C GLU B 199 7.05 5.56 8.95
N TYR B 200 6.91 4.25 9.10
CA TYR B 200 6.01 3.47 8.27
C TYR B 200 4.57 3.97 8.45
N LEU B 201 4.14 4.16 9.70
CA LEU B 201 2.80 4.66 10.00
C LEU B 201 2.48 6.02 9.36
N GLU B 202 3.45 6.93 9.37
CA GLU B 202 3.28 8.24 8.74
C GLU B 202 3.07 8.12 7.24
N THR B 203 3.93 7.35 6.59
CA THR B 203 3.82 7.15 5.13
C THR B 203 2.38 6.72 4.77
N PHE B 204 1.85 5.79 5.56
CA PHE B 204 0.53 5.19 5.27
C PHE B 204 -0.65 5.93 5.90
N GLY B 205 -0.37 7.10 6.47
CA GLY B 205 -1.40 8.05 6.86
C GLY B 205 -2.11 7.74 8.16
N VAL B 206 -1.45 6.96 9.02
CA VAL B 206 -2.07 6.45 10.23
C VAL B 206 -1.67 7.27 11.47
N PRO B 207 -2.65 7.91 12.14
CA PRO B 207 -2.35 8.63 13.38
C PRO B 207 -1.76 7.71 14.43
N LEU B 208 -0.70 8.16 15.09
CA LEU B 208 -0.19 7.50 16.26
C LEU B 208 -0.41 8.45 17.44
N ILE B 209 -1.42 8.15 18.24
CA ILE B 209 -1.86 9.03 19.32
C ILE B 209 -1.21 8.60 20.61
N GLY B 210 -0.46 9.50 21.26
CA GLY B 210 -0.09 9.33 22.65
C GLY B 210 -1.22 9.67 23.61
N TYR B 211 -1.64 8.71 24.44
CA TYR B 211 -2.57 9.08 25.49
C TYR B 211 -1.75 9.69 26.61
N GLN B 212 -1.99 10.97 26.87
CA GLN B 212 -1.28 11.69 27.91
C GLN B 212 0.24 11.50 27.85
N THR B 213 0.77 11.37 26.64
CA THR B 213 2.21 11.21 26.48
C THR B 213 2.69 11.77 25.15
N LYS B 214 3.84 12.42 25.16
CA LYS B 214 4.53 12.82 23.93
C LYS B 214 5.39 11.68 23.40
N ALA B 215 6.10 11.01 24.29
CA ALA B 215 6.99 9.92 23.91
C ALA B 215 6.19 8.65 23.63
N LEU B 216 6.51 7.98 22.52
CA LEU B 216 5.91 6.68 22.23
C LEU B 216 6.32 5.68 23.31
N PRO B 217 5.32 5.12 24.03
CA PRO B 217 5.69 4.12 25.03
C PRO B 217 6.13 2.85 24.32
N ALA B 218 7.06 2.09 24.88
CA ALA B 218 7.37 0.84 24.24
C ALA B 218 6.94 -0.33 25.11
N PHE B 219 5.72 -0.81 24.89
CA PHE B 219 5.28 -2.06 25.47
C PHE B 219 5.57 -2.12 26.98
N PHE B 220 6.53 -2.93 27.36
CA PHE B 220 7.03 -3.05 28.73
C PHE B 220 7.49 -1.73 29.38
N CYS B 221 8.01 -0.83 28.54
CA CYS B 221 8.58 0.45 28.98
C CYS B 221 7.62 1.62 28.74
N ARG B 222 7.59 2.56 29.68
CA ARG B 222 6.71 3.73 29.58
C ARG B 222 7.09 4.70 28.45
N THR B 223 8.39 4.90 28.25
CA THR B 223 8.84 5.78 27.17
C THR B 223 9.82 5.14 26.19
N SER B 224 10.26 5.93 25.23
CA SER B 224 11.28 5.52 24.28
C SER B 224 11.88 6.77 23.64
N PRO B 225 12.90 6.59 22.79
CA PRO B 225 13.49 7.70 22.04
C PRO B 225 12.53 8.34 21.02
N PHE B 226 11.42 7.68 20.76
CA PHE B 226 10.51 8.13 19.71
C PHE B 226 9.26 8.83 20.21
N ASP B 227 8.75 9.75 19.37
CA ASP B 227 7.55 10.52 19.66
C ASP B 227 6.36 10.00 18.83
N VAL B 228 5.16 10.14 19.40
CA VAL B 228 3.89 9.87 18.72
C VAL B 228 3.57 10.97 17.71
N SER B 229 2.62 10.74 16.79
CA SER B 229 2.21 11.81 15.87
C SER B 229 1.45 12.94 16.56
N ILE B 230 0.59 12.60 17.51
CA ILE B 230 -0.07 13.63 18.30
C ILE B 230 -0.38 13.17 19.71
N ARG B 231 -0.23 14.08 20.66
CA ARG B 231 -0.61 13.82 22.05
C ARG B 231 -2.03 14.25 22.31
N LEU B 232 -2.84 13.37 22.88
CA LEU B 232 -4.20 13.71 23.27
C LEU B 232 -4.42 13.29 24.72
N ASP B 233 -4.99 14.17 25.52
CA ASP B 233 -5.11 13.92 26.95
C ASP B 233 -6.45 13.35 27.46
N SER B 234 -7.43 13.18 26.57
CA SER B 234 -8.72 12.62 26.99
C SER B 234 -9.33 11.68 25.96
N ALA B 235 -10.18 10.77 26.44
CA ALA B 235 -10.83 9.77 25.60
C ALA B 235 -11.83 10.49 24.69
N SER B 236 -12.32 11.61 25.18
CA SER B 236 -13.26 12.44 24.46
C SER B 236 -12.61 13.02 23.19
N GLU B 237 -11.38 13.51 23.33
CA GLU B 237 -10.61 14.03 22.19
C GLU B 237 -10.34 12.95 21.12
N ILE B 238 -10.11 11.72 21.57
CA ILE B 238 -9.84 10.62 20.65
C ILE B 238 -11.12 10.27 19.90
N ALA B 239 -12.22 10.19 20.63
CA ALA B 239 -13.52 9.88 20.04
C ALA B 239 -13.92 10.91 18.98
N ARG B 240 -13.74 12.17 19.32
CA ARG B 240 -14.04 13.26 18.39
C ARG B 240 -13.18 13.17 17.12
N ALA B 241 -11.88 12.94 17.29
CA ALA B 241 -11.01 12.77 16.13
C ALA B 241 -11.43 11.61 15.22
N MET B 242 -11.93 10.54 15.82
CA MET B 242 -12.41 9.35 15.09
C MET B 242 -13.61 9.67 14.21
N VAL B 243 -14.56 10.40 14.77
CA VAL B 243 -15.76 10.81 14.03
C VAL B 243 -15.37 11.70 12.83
N VAL B 244 -14.48 12.64 13.07
CA VAL B 244 -14.05 13.57 12.03
C VAL B 244 -13.28 12.83 10.93
N LYS B 245 -12.34 11.99 11.35
CA LYS B 245 -11.56 11.19 10.41
C LYS B 245 -12.47 10.41 9.44
N TRP B 246 -13.43 9.67 9.98
CA TRP B 246 -14.28 8.80 9.19
C TRP B 246 -15.40 9.55 8.44
N GLN B 247 -15.89 10.65 9.00
CA GLN B 247 -16.84 11.49 8.28
C GLN B 247 -16.17 12.25 7.15
N SER B 248 -14.86 12.40 7.25
CA SER B 248 -14.09 13.09 6.20
C SER B 248 -13.60 12.08 5.16
N GLY B 249 -14.02 10.83 5.29
CA GLY B 249 -13.68 9.81 4.33
C GLY B 249 -12.23 9.39 4.33
N LEU B 250 -11.56 9.52 5.47
CA LEU B 250 -10.16 9.14 5.50
C LEU B 250 -10.13 7.77 6.10
N ASN B 251 -10.08 6.78 5.24
CA ASN B 251 -10.18 5.41 5.67
C ASN B 251 -8.88 5.03 6.30
N GLY B 252 -8.95 4.26 7.37
CA GLY B 252 -7.76 3.73 8.00
C GLY B 252 -8.06 3.67 9.47
N GLY B 253 -7.15 3.10 10.25
CA GLY B 253 -7.36 2.96 11.66
C GLY B 253 -6.56 4.00 12.41
N LEU B 254 -6.62 3.93 13.73
CA LEU B 254 -5.85 4.83 14.58
C LEU B 254 -5.13 4.00 15.63
N VAL B 255 -3.87 4.31 15.88
CA VAL B 255 -3.15 3.71 16.99
C VAL B 255 -3.21 4.66 18.18
N VAL B 256 -3.77 4.17 19.28
CA VAL B 256 -3.69 4.86 20.54
C VAL B 256 -2.67 4.15 21.42
N ALA B 257 -1.54 4.80 21.65
CA ALA B 257 -0.49 4.22 22.48
C ALA B 257 -0.62 4.74 23.93
N ASN B 258 -0.88 3.77 24.82
CA ASN B 258 -1.18 3.98 26.22
C ASN B 258 -0.07 3.41 27.09
N PRO B 259 0.72 4.27 27.74
CA PRO B 259 1.86 3.79 28.54
C PRO B 259 1.46 2.81 29.63
N ILE B 260 2.27 1.77 29.84
CA ILE B 260 2.06 0.84 30.95
C ILE B 260 2.14 1.63 32.26
N PRO B 261 1.27 1.33 33.24
CA PRO B 261 1.38 2.06 34.51
C PRO B 261 2.74 1.82 35.15
N GLU B 262 3.28 2.87 35.77
CA GLU B 262 4.67 2.89 36.22
C GLU B 262 5.07 1.73 37.15
N GLN B 263 4.14 1.29 37.99
CA GLN B 263 4.45 0.30 39.01
C GLN B 263 4.55 -1.12 38.44
N PHE B 264 3.96 -1.31 37.27
CA PHE B 264 4.00 -2.60 36.56
C PHE B 264 5.09 -2.64 35.48
N ALA B 265 5.85 -1.56 35.36
CA ALA B 265 6.85 -1.43 34.32
C ALA B 265 8.10 -2.28 34.60
N MET B 266 8.74 -2.72 33.52
CA MET B 266 10.02 -3.41 33.61
C MET B 266 11.13 -2.38 33.75
N PRO B 267 12.16 -2.72 34.55
CA PRO B 267 13.39 -1.91 34.57
C PRO B 267 13.98 -1.84 33.16
N GLU B 268 14.30 -0.63 32.71
CA GLU B 268 14.75 -0.45 31.33
C GLU B 268 15.93 -1.35 30.96
N HIS B 269 16.98 -1.36 31.78
CA HIS B 269 18.18 -2.12 31.46
C HIS B 269 17.91 -3.62 31.35
N THR B 270 17.06 -4.12 32.24
CA THR B 270 16.80 -5.55 32.35
C THR B 270 16.00 -6.10 31.17
N ILE B 271 14.96 -5.38 30.78
CA ILE B 271 14.06 -5.86 29.73
C ILE B 271 14.76 -5.76 28.39
N ASN B 272 15.53 -4.70 28.22
CA ASN B 272 16.28 -4.50 26.98
C ASN B 272 17.39 -5.53 26.72
N ALA B 273 18.13 -5.90 27.77
CA ALA B 273 19.12 -6.97 27.64
C ALA B 273 18.43 -8.27 27.22
N ALA B 274 17.26 -8.53 27.80
CA ALA B 274 16.49 -9.73 27.51
C ALA B 274 16.02 -9.77 26.06
N ILE B 275 15.45 -8.65 25.60
CA ILE B 275 14.99 -8.56 24.22
C ILE B 275 16.14 -8.67 23.21
N ASP B 276 17.19 -7.89 23.41
CA ASP B 276 18.38 -7.97 22.55
C ASP B 276 18.89 -9.40 22.39
N GLN B 277 18.96 -10.14 23.50
CA GLN B 277 19.46 -11.51 23.46
C GLN B 277 18.50 -12.44 22.70
N ALA B 278 17.20 -12.27 22.94
CA ALA B 278 16.18 -13.09 22.29
C ALA B 278 16.22 -12.86 20.80
N VAL B 279 16.36 -11.60 20.41
CA VAL B 279 16.48 -11.20 19.01
C VAL B 279 17.73 -11.81 18.33
N ALA B 280 18.90 -11.68 18.96
CA ALA B 280 20.11 -12.31 18.44
C ALA B 280 19.96 -13.83 18.34
N GLU B 281 19.23 -14.43 19.29
CA GLU B 281 19.02 -15.87 19.29
C GLU B 281 18.07 -16.31 18.19
N ALA B 282 16.99 -15.56 17.98
CA ALA B 282 16.06 -15.89 16.90
C ALA B 282 16.75 -15.83 15.55
N GLU B 283 17.60 -14.81 15.35
CA GLU B 283 18.38 -14.68 14.13
C GLU B 283 19.39 -15.81 13.97
N ALA B 284 20.11 -16.13 15.05
CA ALA B 284 21.07 -17.22 15.02
C ALA B 284 20.39 -18.57 14.73
N GLN B 285 19.19 -18.76 15.28
CA GLN B 285 18.45 -20.00 15.11
C GLN B 285 17.62 -20.03 13.83
N GLY B 286 17.67 -18.96 13.04
CA GLY B 286 16.97 -18.91 11.78
C GLY B 286 15.46 -18.85 11.92
N VAL B 287 14.98 -18.27 13.02
CA VAL B 287 13.56 -18.07 13.24
C VAL B 287 13.05 -16.90 12.38
N ILE B 288 12.04 -17.16 11.55
CA ILE B 288 11.54 -16.16 10.63
C ILE B 288 10.01 -16.21 10.53
N GLY B 289 9.44 -15.20 9.90
CA GLY B 289 8.02 -15.20 9.58
C GLY B 289 7.11 -15.11 10.78
N LYS B 290 5.99 -15.82 10.73
CA LYS B 290 4.93 -15.67 11.73
C LYS B 290 5.31 -16.30 13.07
N GLU B 291 6.37 -17.10 13.08
CA GLU B 291 6.85 -17.71 14.32
C GLU B 291 7.72 -16.77 15.17
N SER B 292 8.20 -15.69 14.56
CA SER B 292 9.08 -14.72 15.23
C SER B 292 8.55 -14.14 16.54
N THR B 293 7.44 -13.42 16.44
CA THR B 293 6.91 -12.73 17.60
C THR B 293 6.64 -13.69 18.77
N PRO B 294 5.93 -14.81 18.51
CA PRO B 294 5.69 -15.74 19.62
C PRO B 294 6.98 -16.38 20.18
N PHE B 295 7.96 -16.61 19.33
CA PHE B 295 9.24 -17.10 19.79
C PHE B 295 9.93 -16.06 20.70
N LEU B 296 9.95 -14.81 20.25
CA LEU B 296 10.61 -13.73 20.99
C LEU B 296 10.00 -13.49 22.38
N LEU B 297 8.68 -13.35 22.43
CA LEU B 297 7.98 -13.10 23.69
C LEU B 297 8.16 -14.24 24.70
N ALA B 298 8.16 -15.46 24.19
CA ALA B 298 8.33 -16.64 25.04
C ALA B 298 9.75 -16.65 25.61
N ARG B 299 10.71 -16.33 24.75
CA ARG B 299 12.11 -16.30 25.16
C ARG B 299 12.37 -15.18 26.17
N VAL B 300 11.77 -14.01 25.91
CA VAL B 300 11.88 -12.90 26.86
C VAL B 300 11.29 -13.25 28.23
N ALA B 301 10.15 -13.95 28.24
CA ALA B 301 9.53 -14.34 29.51
C ALA B 301 10.44 -15.29 30.28
N GLU B 302 11.04 -16.23 29.56
CA GLU B 302 11.99 -17.16 30.14
C GLU B 302 13.17 -16.40 30.76
N LEU B 303 13.75 -15.48 29.99
CA LEU B 303 14.91 -14.70 30.45
C LEU B 303 14.60 -13.77 31.63
N THR B 304 13.36 -13.30 31.71
CA THR B 304 12.96 -12.39 32.80
C THR B 304 12.29 -13.10 33.96
N GLY B 305 12.18 -14.43 33.87
CA GLY B 305 11.57 -15.20 34.93
C GLY B 305 10.08 -14.94 35.06
N GLY B 306 9.42 -14.75 33.92
CA GLY B 306 7.99 -14.53 33.92
C GLY B 306 7.58 -13.09 34.21
N ASP B 307 8.55 -12.25 34.53
CA ASP B 307 8.31 -10.82 34.80
C ASP B 307 7.76 -10.08 33.58
N SER B 308 8.33 -10.34 32.41
CA SER B 308 7.86 -9.68 31.20
C SER B 308 6.40 -10.04 30.93
N LEU B 309 6.04 -11.28 31.24
CA LEU B 309 4.65 -11.72 31.13
C LEU B 309 3.74 -10.96 32.11
N LYS B 310 4.20 -10.79 33.35
CA LYS B 310 3.42 -10.04 34.33
C LYS B 310 3.14 -8.60 33.86
N SER B 311 4.16 -7.93 33.31
CA SER B 311 3.95 -6.59 32.76
C SER B 311 2.95 -6.63 31.62
N ASN B 312 3.06 -7.69 30.81
CA ASN B 312 2.26 -7.82 29.61
C ASN B 312 0.79 -7.93 29.98
N ILE B 313 0.53 -8.68 31.05
CA ILE B 313 -0.83 -8.88 31.51
C ILE B 313 -1.43 -7.57 32.04
N GLN B 314 -0.63 -6.82 32.79
CA GLN B 314 -1.08 -5.53 33.35
C GLN B 314 -1.34 -4.47 32.29
N LEU B 315 -0.52 -4.42 31.25
CA LEU B 315 -0.72 -3.41 30.22
C LEU B 315 -1.98 -3.74 29.40
N VAL B 316 -2.30 -5.02 29.26
CA VAL B 316 -3.54 -5.40 28.60
C VAL B 316 -4.75 -4.91 29.41
N PHE B 317 -4.72 -5.12 30.72
CA PHE B 317 -5.76 -4.58 31.61
C PHE B 317 -5.90 -3.06 31.44
N ASN B 318 -4.77 -2.35 31.52
CA ASN B 318 -4.76 -0.90 31.43
C ASN B 318 -5.31 -0.43 30.06
N ASN B 319 -4.90 -1.06 28.97
CA ASN B 319 -5.48 -0.73 27.67
C ASN B 319 -6.99 -0.97 27.56
N ALA B 320 -7.45 -2.09 28.08
CA ALA B 320 -8.88 -2.40 28.11
C ALA B 320 -9.67 -1.29 28.84
N ILE B 321 -9.09 -0.76 29.91
CA ILE B 321 -9.72 0.34 30.65
C ILE B 321 -9.87 1.58 29.76
N LEU B 322 -8.78 2.03 29.14
CA LEU B 322 -8.82 3.20 28.24
C LEU B 322 -9.70 2.97 27.02
N ALA B 323 -9.71 1.74 26.52
CA ALA B 323 -10.47 1.42 25.32
C ALA B 323 -11.96 1.60 25.59
N SER B 324 -12.38 1.20 26.77
CA SER B 324 -13.78 1.31 27.18
C SER B 324 -14.24 2.75 27.27
N GLU B 325 -13.40 3.61 27.85
CA GLU B 325 -13.68 5.03 27.89
C GLU B 325 -13.79 5.62 26.47
N ILE B 326 -12.85 5.24 25.60
CA ILE B 326 -12.93 5.69 24.21
C ILE B 326 -14.23 5.25 23.52
N ALA B 327 -14.62 3.98 23.73
CA ALA B 327 -15.85 3.45 23.16
C ALA B 327 -17.09 4.16 23.67
N LYS B 328 -17.14 4.44 24.98
CA LYS B 328 -18.27 5.15 25.55
C LYS B 328 -18.41 6.54 24.95
N GLU B 329 -17.27 7.22 24.83
CA GLU B 329 -17.25 8.58 24.27
C GLU B 329 -17.66 8.57 22.81
N TYR B 330 -17.07 7.65 22.05
CA TYR B 330 -17.36 7.57 20.63
C TYR B 330 -18.85 7.28 20.45
N GLN B 331 -19.38 6.38 21.26
CA GLN B 331 -20.78 6.05 21.15
C GLN B 331 -21.63 7.29 21.44
N ARG B 332 -21.12 8.17 22.29
CA ARG B 332 -21.87 9.38 22.65
C ARG B 332 -21.92 10.34 21.46
N LEU B 333 -20.82 10.41 20.72
CA LEU B 333 -20.74 11.25 19.53
C LEU B 333 -21.44 10.61 18.33
N ALA B 334 -20.97 9.44 17.92
CA ALA B 334 -21.62 8.68 16.86
C ALA B 334 -22.94 8.07 17.35
N LYS C 28 -21.52 15.14 0.20
CA LYS C 28 -22.36 14.50 1.22
C LYS C 28 -21.86 14.82 2.62
N ILE C 29 -20.72 15.51 2.71
CA ILE C 29 -20.04 15.88 3.94
C ILE C 29 -20.57 17.12 4.63
N SER C 30 -20.61 17.10 5.95
CA SER C 30 -21.09 18.24 6.72
C SER C 30 -20.36 19.55 6.40
N PRO C 31 -21.12 20.65 6.32
CA PRO C 31 -20.59 22.01 6.13
C PRO C 31 -19.73 22.47 7.30
N GLU C 32 -19.87 21.82 8.45
CA GLU C 32 -19.05 22.13 9.62
C GLU C 32 -17.61 21.66 9.37
N LEU C 33 -17.46 20.55 8.65
CA LEU C 33 -16.16 20.01 8.26
C LEU C 33 -15.53 20.62 7.00
N LEU C 34 -16.35 20.87 5.98
CA LEU C 34 -15.84 21.28 4.66
C LEU C 34 -16.65 22.42 4.04
N GLN C 35 -15.98 23.51 3.69
CA GLN C 35 -16.61 24.67 3.06
C GLN C 35 -15.93 25.03 1.74
N ILE C 36 -16.69 24.97 0.64
CA ILE C 36 -16.19 25.38 -0.67
C ILE C 36 -16.59 26.82 -0.97
N SER C 37 -15.59 27.69 -1.17
CA SER C 37 -15.80 29.12 -1.38
C SER C 37 -16.74 29.45 -2.54
N PRO C 38 -17.41 30.61 -2.47
CA PRO C 38 -18.37 31.07 -3.49
C PRO C 38 -17.81 31.05 -4.91
N GLU C 39 -16.59 31.54 -5.10
CA GLU C 39 -16.01 31.59 -6.44
C GLU C 39 -15.70 30.19 -6.98
N VAL C 40 -15.12 29.35 -6.14
CA VAL C 40 -14.81 27.99 -6.56
C VAL C 40 -16.12 27.21 -6.74
N GLN C 41 -17.02 27.35 -5.79
CA GLN C 41 -18.31 26.67 -5.89
C GLN C 41 -18.97 27.04 -7.23
N ASP C 42 -18.91 28.32 -7.58
CA ASP C 42 -19.48 28.80 -8.84
C ASP C 42 -18.73 28.29 -10.07
N ALA C 43 -17.40 28.38 -10.01
CA ALA C 43 -16.57 27.86 -11.11
C ALA C 43 -16.87 26.39 -11.36
N LEU C 44 -17.19 25.66 -10.31
CA LEU C 44 -17.55 24.24 -10.43
C LEU C 44 -18.96 24.08 -10.98
N LYS C 45 -19.86 24.95 -10.53
CA LYS C 45 -21.24 24.97 -11.01
C LYS C 45 -21.27 25.19 -12.51
N ASN C 46 -20.52 26.19 -12.95
CA ASN C 46 -20.50 26.59 -14.35
C ASN C 46 -19.52 25.77 -15.18
N LYS C 47 -18.90 24.78 -14.54
CA LYS C 47 -17.99 23.87 -15.24
C LYS C 47 -16.77 24.59 -15.81
N LYS C 48 -16.26 25.57 -15.05
CA LYS C 48 -15.06 26.27 -15.46
C LYS C 48 -13.84 25.52 -14.90
N PRO C 49 -12.70 25.63 -15.58
CA PRO C 49 -11.47 24.97 -15.10
C PRO C 49 -11.06 25.48 -13.73
N VAL C 50 -10.82 24.56 -12.79
CA VAL C 50 -10.37 24.93 -11.46
C VAL C 50 -9.05 24.24 -11.15
N VAL C 51 -8.12 24.98 -10.57
CA VAL C 51 -6.82 24.45 -10.20
C VAL C 51 -6.58 24.66 -8.72
N ALA C 52 -6.37 23.55 -7.99
CA ALA C 52 -6.10 23.61 -6.56
C ALA C 52 -4.66 24.01 -6.30
N LEU C 53 -4.43 24.60 -5.13
CA LEU C 53 -3.10 25.02 -4.69
C LEU C 53 -2.93 24.55 -3.25
N GLU C 54 -1.69 24.35 -2.81
CA GLU C 54 -1.42 23.91 -1.43
C GLU C 54 -1.02 25.08 -0.52
N SER C 55 -1.34 24.98 0.77
CA SER C 55 -0.99 26.03 1.71
C SER C 55 0.34 25.83 2.49
N THR C 56 0.94 24.64 2.40
CA THR C 56 2.13 24.38 3.20
C THR C 56 3.32 25.24 2.74
N ILE C 57 3.50 25.34 1.43
CA ILE C 57 4.58 26.15 0.85
C ILE C 57 4.62 27.56 1.41
N ILE C 58 3.43 28.10 1.72
CA ILE C 58 3.29 29.50 2.13
C ILE C 58 3.31 29.70 3.65
N SER C 59 3.56 28.62 4.39
CA SER C 59 3.88 28.69 5.81
C SER C 59 5.34 28.33 6.00
N HIS C 60 5.66 27.08 5.67
CA HIS C 60 6.98 26.51 5.90
C HIS C 60 7.89 26.64 4.67
N PRO C 63 7.58 31.84 3.81
CA PRO C 63 8.59 32.78 4.31
C PRO C 63 8.10 34.22 4.15
N PHE C 64 7.54 34.80 5.20
CA PHE C 64 6.96 36.14 5.09
C PHE C 64 8.01 37.18 4.71
N PRO C 65 7.61 38.24 3.97
CA PRO C 65 6.38 38.49 3.22
C PRO C 65 6.29 37.67 1.93
N GLN C 66 7.44 37.15 1.49
CA GLN C 66 7.52 36.41 0.25
C GLN C 66 6.56 35.22 0.29
N ASN C 67 6.03 34.97 1.49
CA ASN C 67 5.08 33.89 1.73
C ASN C 67 3.69 34.18 1.18
N ALA C 68 3.02 35.16 1.78
CA ALA C 68 1.64 35.48 1.44
C ALA C 68 1.53 36.24 0.11
N GLN C 69 2.58 36.97 -0.25
CA GLN C 69 2.60 37.70 -1.50
C GLN C 69 2.70 36.74 -2.69
N THR C 70 3.70 35.88 -2.67
CA THR C 70 3.93 34.95 -3.77
C THR C 70 2.76 33.98 -3.97
N ALA C 71 1.93 33.83 -2.95
CA ALA C 71 0.73 32.99 -3.05
C ALA C 71 -0.40 33.72 -3.76
N ILE C 72 -0.50 35.04 -3.52
CA ILE C 72 -1.53 35.86 -4.14
C ILE C 72 -1.32 35.92 -5.64
N GLU C 73 -0.06 36.02 -6.05
CA GLU C 73 0.27 36.13 -7.47
C GLU C 73 0.08 34.81 -8.20
N VAL C 74 0.31 33.70 -7.50
CA VAL C 74 0.07 32.38 -8.04
C VAL C 74 -1.37 32.27 -8.49
N GLU C 75 -2.30 32.72 -7.65
CA GLU C 75 -3.70 32.71 -8.01
C GLU C 75 -3.97 33.58 -9.23
N GLU C 76 -3.47 34.81 -9.21
CA GLU C 76 -3.66 35.71 -10.34
C GLU C 76 -3.10 35.08 -11.62
N THR C 77 -1.97 34.39 -11.49
CA THR C 77 -1.38 33.69 -12.64
C THR C 77 -2.37 32.71 -13.27
N ILE C 78 -3.11 32.00 -12.42
CA ILE C 78 -4.13 31.05 -12.87
C ILE C 78 -5.34 31.79 -13.46
N ARG C 79 -5.68 32.92 -12.85
CA ARG C 79 -6.80 33.73 -13.31
C ARG C 79 -6.54 34.31 -14.68
N LYS C 80 -5.31 34.75 -14.92
CA LYS C 80 -4.93 35.31 -16.21
C LYS C 80 -4.84 34.23 -17.26
N GLN C 81 -4.73 32.98 -16.82
CA GLN C 81 -4.64 31.85 -17.74
C GLN C 81 -6.00 31.42 -18.26
N GLY C 82 -7.05 31.98 -17.66
CA GLY C 82 -8.40 31.58 -18.02
C GLY C 82 -8.89 30.44 -17.14
N ALA C 83 -8.26 30.29 -15.97
CA ALA C 83 -8.71 29.29 -15.00
C ALA C 83 -9.02 29.90 -13.63
N VAL C 84 -9.53 29.08 -12.73
CA VAL C 84 -9.94 29.53 -11.39
C VAL C 84 -9.08 28.91 -10.30
N PRO C 85 -8.42 29.75 -9.50
CA PRO C 85 -7.60 29.23 -8.40
C PRO C 85 -8.44 28.75 -7.21
N ALA C 86 -8.04 27.64 -6.60
CA ALA C 86 -8.53 27.29 -5.27
C ALA C 86 -7.35 26.96 -4.37
N THR C 87 -7.05 27.84 -3.43
CA THR C 87 -5.98 27.56 -2.50
C THR C 87 -6.61 26.84 -1.34
N ILE C 88 -5.94 25.80 -0.85
CA ILE C 88 -6.52 24.89 0.13
C ILE C 88 -5.83 24.96 1.49
N ALA C 89 -6.63 25.04 2.54
CA ALA C 89 -6.10 25.11 3.91
C ALA C 89 -7.11 24.68 4.98
N ILE C 90 -6.62 24.43 6.20
CA ILE C 90 -7.49 24.30 7.35
C ILE C 90 -7.54 25.63 8.11
N ILE C 91 -8.74 26.18 8.28
CA ILE C 91 -8.89 27.42 9.04
C ILE C 91 -10.03 27.33 10.04
N GLY C 92 -9.69 27.40 11.33
CA GLY C 92 -10.67 27.24 12.39
C GLY C 92 -11.29 25.85 12.41
N GLY C 93 -10.51 24.86 11.98
CA GLY C 93 -10.95 23.48 12.03
C GLY C 93 -11.80 23.10 10.83
N VAL C 94 -11.86 24.00 9.86
CA VAL C 94 -12.66 23.79 8.66
C VAL C 94 -11.77 23.60 7.43
N MET C 95 -12.08 22.57 6.65
CA MET C 95 -11.39 22.33 5.40
C MET C 95 -11.99 23.28 4.38
N LYS C 96 -11.15 24.18 3.86
CA LYS C 96 -11.66 25.22 3.00
C LYS C 96 -11.10 25.08 1.60
N VAL C 97 -12.00 25.08 0.62
CA VAL C 97 -11.59 25.02 -0.77
C VAL C 97 -11.69 26.44 -1.33
N GLY C 98 -10.52 27.05 -1.49
CA GLY C 98 -10.37 28.41 -1.95
C GLY C 98 -10.33 29.32 -0.75
N LEU C 99 -9.44 30.29 -0.78
CA LEU C 99 -9.25 31.15 0.39
C LEU C 99 -9.49 32.58 0.00
N SER C 100 -9.40 33.45 1.01
CA SER C 100 -9.52 34.88 0.84
C SER C 100 -8.17 35.49 1.20
N LYS C 101 -7.93 36.71 0.72
CA LYS C 101 -6.66 37.39 0.96
C LYS C 101 -6.30 37.44 2.44
N GLU C 102 -7.28 37.71 3.30
CA GLU C 102 -7.02 37.77 4.72
C GLU C 102 -6.62 36.40 5.25
N GLU C 103 -7.26 35.34 4.74
CA GLU C 103 -6.92 33.99 5.15
C GLU C 103 -5.49 33.64 4.73
N ILE C 104 -5.18 33.91 3.46
CA ILE C 104 -3.82 33.72 2.95
C ILE C 104 -2.83 34.47 3.84
N GLU C 105 -3.14 35.73 4.14
CA GLU C 105 -2.29 36.56 4.99
C GLU C 105 -2.13 35.94 6.38
N LEU C 106 -3.24 35.46 6.94
CA LEU C 106 -3.19 34.76 8.22
C LEU C 106 -2.20 33.60 8.21
N LEU C 107 -2.21 32.80 7.15
CA LEU C 107 -1.32 31.64 7.06
C LEU C 107 0.13 32.04 6.88
N GLY C 108 0.35 33.11 6.13
CA GLY C 108 1.70 33.59 5.84
C GLY C 108 2.41 34.18 7.05
N ARG C 109 1.67 34.95 7.85
CA ARG C 109 2.27 35.57 9.03
C ARG C 109 2.41 34.60 10.20
N GLU C 110 1.37 33.82 10.48
CA GLU C 110 1.44 32.82 11.55
C GLU C 110 2.62 31.87 11.33
N GLY C 111 3.06 31.75 10.09
CA GLY C 111 4.27 31.01 9.77
C GLY C 111 4.35 29.61 10.34
N HIS C 112 5.52 29.25 10.89
CA HIS C 112 5.75 27.92 11.42
C HIS C 112 4.81 27.58 12.58
N ASN C 113 4.14 28.60 13.12
CA ASN C 113 3.15 28.38 14.18
C ASN C 113 1.89 27.69 13.63
N VAL C 114 1.76 27.65 12.31
CA VAL C 114 0.69 26.91 11.67
C VAL C 114 1.13 25.47 11.48
N THR C 115 0.32 24.54 11.96
CA THR C 115 0.64 23.11 11.88
C THR C 115 0.75 22.64 10.42
N LYS C 116 1.79 21.88 10.13
CA LYS C 116 1.95 21.22 8.84
C LYS C 116 1.06 19.97 8.83
N VAL C 117 0.16 19.88 7.84
CA VAL C 117 -0.88 18.87 7.83
C VAL C 117 -0.77 17.85 6.69
N SER C 118 -0.44 16.61 7.02
CA SER C 118 -0.52 15.50 6.06
C SER C 118 -1.76 14.67 6.41
N ARG C 119 -1.95 13.53 5.75
CA ARG C 119 -3.11 12.67 5.99
C ARG C 119 -3.34 12.32 7.47
N ARG C 120 -2.28 11.94 8.17
CA ARG C 120 -2.43 11.51 9.56
C ARG C 120 -2.75 12.68 10.49
N ASP C 121 -2.39 13.89 10.07
CA ASP C 121 -2.63 15.10 10.87
C ASP C 121 -4.06 15.66 10.71
N LEU C 122 -4.65 15.42 9.54
CA LEU C 122 -5.91 16.07 9.13
C LEU C 122 -7.05 16.01 10.16
N PRO C 123 -7.35 14.82 10.68
CA PRO C 123 -8.51 14.72 11.56
C PRO C 123 -8.38 15.53 12.84
N PHE C 124 -7.16 15.71 13.35
CA PHE C 124 -6.96 16.37 14.63
C PHE C 124 -7.06 17.89 14.56
N VAL C 125 -6.59 18.46 13.45
CA VAL C 125 -6.68 19.90 13.29
C VAL C 125 -8.14 20.28 13.13
N VAL C 126 -8.88 19.47 12.37
CA VAL C 126 -10.28 19.74 12.11
C VAL C 126 -11.08 19.63 13.39
N ALA C 127 -10.80 18.58 14.16
CA ALA C 127 -11.47 18.31 15.42
C ALA C 127 -11.20 19.40 16.47
N ALA C 128 -9.96 19.87 16.51
CA ALA C 128 -9.53 20.84 17.52
C ALA C 128 -9.76 22.29 17.08
N GLY C 129 -10.37 22.49 15.92
CA GLY C 129 -10.64 23.82 15.41
C GLY C 129 -9.42 24.68 15.16
N LYS C 130 -8.30 24.07 14.77
CA LYS C 130 -7.07 24.82 14.59
C LYS C 130 -6.88 25.26 13.13
N ASN C 131 -5.82 26.02 12.89
CA ASN C 131 -5.40 26.37 11.54
C ASN C 131 -4.37 25.37 11.07
N GLY C 132 -4.36 25.05 9.79
CA GLY C 132 -3.31 24.18 9.29
C GLY C 132 -3.01 24.41 7.83
N ALA C 133 -1.76 24.13 7.48
CA ALA C 133 -1.28 24.26 6.11
C ALA C 133 -1.09 22.87 5.53
N THR C 134 -1.74 22.63 4.40
CA THR C 134 -1.82 21.29 3.83
C THR C 134 -0.66 20.97 2.90
N THR C 135 -0.06 19.80 3.11
CA THR C 135 0.94 19.27 2.19
C THR C 135 0.28 18.73 0.93
N VAL C 136 1.08 18.19 0.02
CA VAL C 136 0.54 17.62 -1.21
C VAL C 136 -0.46 16.51 -0.91
N ALA C 137 -0.12 15.62 0.01
CA ALA C 137 -1.01 14.50 0.32
C ALA C 137 -2.37 15.01 0.77
N SER C 138 -2.36 15.94 1.72
CA SER C 138 -3.58 16.44 2.30
C SER C 138 -4.34 17.37 1.33
N THR C 139 -3.60 18.11 0.52
CA THR C 139 -4.27 18.98 -0.46
C THR C 139 -4.98 18.13 -1.52
N MET C 140 -4.36 17.02 -1.91
CA MET C 140 -5.02 16.08 -2.82
C MET C 140 -6.34 15.58 -2.24
N ILE C 141 -6.32 15.22 -0.95
CA ILE C 141 -7.50 14.69 -0.28
C ILE C 141 -8.67 15.66 -0.38
N ILE C 142 -8.43 16.91 0.03
CA ILE C 142 -9.51 17.89 0.05
C ILE C 142 -9.96 18.27 -1.35
N ALA C 143 -9.00 18.41 -2.27
CA ALA C 143 -9.32 18.62 -3.68
C ALA C 143 -10.30 17.56 -4.16
N ALA C 144 -10.00 16.30 -3.87
CA ALA C 144 -10.85 15.19 -4.33
C ALA C 144 -12.26 15.32 -3.74
N LEU C 145 -12.34 15.59 -2.44
CA LEU C 145 -13.63 15.84 -1.79
C LEU C 145 -14.45 16.91 -2.51
N ALA C 146 -13.76 17.88 -3.12
CA ALA C 146 -14.42 19.01 -3.77
C ALA C 146 -14.61 18.83 -5.27
N GLY C 147 -14.09 17.73 -5.81
CA GLY C 147 -14.27 17.42 -7.22
C GLY C 147 -13.28 18.10 -8.14
N ILE C 148 -12.14 18.51 -7.58
CA ILE C 148 -11.10 19.17 -8.36
C ILE C 148 -10.04 18.16 -8.78
N LYS C 149 -9.83 18.01 -10.09
CA LYS C 149 -8.89 17.01 -10.59
C LYS C 149 -7.48 17.52 -10.83
N VAL C 150 -7.28 18.83 -10.78
CA VAL C 150 -5.98 19.40 -11.14
C VAL C 150 -5.40 20.25 -10.02
N PHE C 151 -4.11 20.04 -9.77
CA PHE C 151 -3.42 20.58 -8.61
C PHE C 151 -2.00 21.01 -8.99
N ALA C 152 -1.65 22.26 -8.70
CA ALA C 152 -0.31 22.76 -9.00
C ALA C 152 0.50 23.02 -7.73
N THR C 153 1.76 22.58 -7.70
CA THR C 153 2.69 22.89 -6.59
C THR C 153 4.11 23.04 -7.13
N GLY C 154 5.05 23.35 -6.24
CA GLY C 154 6.44 23.39 -6.63
C GLY C 154 7.00 22.00 -6.88
N GLY C 155 7.00 21.18 -5.84
CA GLY C 155 7.50 19.83 -5.97
C GLY C 155 6.84 18.92 -4.96
N ILE C 156 6.72 17.65 -5.33
CA ILE C 156 6.11 16.66 -4.48
C ILE C 156 7.14 16.13 -3.47
N GLY C 157 6.65 15.63 -2.34
CA GLY C 157 7.50 14.85 -1.45
C GLY C 157 7.81 13.51 -2.09
N GLY C 158 8.60 12.69 -1.42
CA GLY C 158 9.05 11.44 -2.00
C GLY C 158 9.91 10.65 -1.04
N VAL C 159 10.71 9.76 -1.61
CA VAL C 159 11.66 8.99 -0.84
C VAL C 159 12.89 9.84 -0.54
N HIS C 160 13.20 10.01 0.75
CA HIS C 160 14.38 10.75 1.18
C HIS C 160 15.64 9.93 1.03
N ARG C 161 16.76 10.61 0.85
CA ARG C 161 18.06 9.97 0.91
C ARG C 161 18.20 9.25 2.23
N GLY C 162 18.68 8.01 2.17
CA GLY C 162 18.87 7.20 3.36
C GLY C 162 17.64 6.38 3.71
N ALA C 163 16.56 6.58 2.97
CA ALA C 163 15.29 5.89 3.26
C ALA C 163 15.40 4.37 3.22
N GLU C 164 16.35 3.84 2.46
CA GLU C 164 16.58 2.40 2.41
C GLU C 164 16.93 1.92 3.82
N HIS C 165 17.36 2.86 4.64
CA HIS C 165 17.71 2.64 6.04
C HIS C 165 16.71 3.24 7.04
N THR C 166 16.34 4.49 6.79
CA THR C 166 15.44 5.20 7.70
C THR C 166 13.94 5.00 7.45
N PHE C 167 13.58 4.48 6.27
CA PHE C 167 12.17 4.32 5.90
C PHE C 167 11.43 5.66 5.80
N ASP C 168 12.16 6.76 5.60
CA ASP C 168 11.49 8.05 5.56
C ASP C 168 10.98 8.24 4.14
N ILE C 169 9.67 8.12 4.00
CA ILE C 169 9.01 8.17 2.71
C ILE C 169 7.72 8.95 2.86
N SER C 170 7.57 9.97 2.03
CA SER C 170 6.46 10.90 2.12
C SER C 170 5.13 10.22 1.93
N ALA C 171 4.15 10.62 2.74
CA ALA C 171 2.78 10.15 2.58
C ALA C 171 2.21 10.61 1.22
N ASP C 172 2.85 11.64 0.64
CA ASP C 172 2.49 12.12 -0.69
C ASP C 172 2.44 10.99 -1.70
N LEU C 173 3.34 10.02 -1.56
CA LEU C 173 3.42 8.97 -2.56
C LEU C 173 2.23 8.03 -2.43
N GLN C 174 1.85 7.70 -1.19
CA GLN C 174 0.63 6.92 -0.96
C GLN C 174 -0.64 7.65 -1.46
N GLU C 175 -0.71 8.95 -1.24
CA GLU C 175 -1.86 9.70 -1.72
C GLU C 175 -1.94 9.61 -3.23
N LEU C 176 -0.79 9.84 -3.88
CA LEU C 176 -0.69 9.69 -5.33
C LEU C 176 -1.16 8.33 -5.79
N ALA C 177 -0.89 7.30 -4.98
CA ALA C 177 -1.28 5.96 -5.36
C ALA C 177 -2.79 5.79 -5.35
N ASN C 178 -3.46 6.45 -4.40
CA ASN C 178 -4.88 6.17 -4.16
C ASN C 178 -5.97 7.17 -4.54
N THR C 179 -5.59 8.40 -4.88
CA THR C 179 -6.53 9.51 -4.91
C THR C 179 -6.50 10.19 -6.27
N ASN C 180 -7.65 10.43 -6.89
CA ASN C 180 -7.61 10.81 -8.30
C ASN C 180 -7.44 12.32 -8.45
N VAL C 181 -6.19 12.73 -8.63
CA VAL C 181 -5.86 14.13 -8.83
C VAL C 181 -4.55 14.18 -9.60
N THR C 182 -4.44 15.10 -10.54
CA THR C 182 -3.22 15.30 -11.29
C THR C 182 -2.42 16.42 -10.62
N VAL C 183 -1.23 16.11 -10.14
CA VAL C 183 -0.39 17.07 -9.47
C VAL C 183 0.69 17.55 -10.44
N VAL C 184 0.73 18.86 -10.70
CA VAL C 184 1.69 19.40 -11.64
C VAL C 184 2.85 19.98 -10.85
N CYS C 185 4.06 19.50 -11.14
CA CYS C 185 5.20 19.87 -10.33
C CYS C 185 6.47 19.94 -11.14
N ALA C 186 7.57 20.27 -10.47
CA ALA C 186 8.90 20.38 -11.08
C ALA C 186 9.63 19.06 -10.96
N GLY C 187 8.89 18.02 -10.61
CA GLY C 187 9.47 16.73 -10.28
C GLY C 187 9.41 16.62 -8.77
N ALA C 188 10.15 15.68 -8.21
CA ALA C 188 10.24 15.59 -6.76
C ALA C 188 11.23 16.65 -6.29
N LYS C 189 11.10 17.08 -5.04
CA LYS C 189 11.99 18.10 -4.53
C LYS C 189 13.40 17.57 -4.62
N SER C 190 14.33 18.42 -5.06
CA SER C 190 15.69 17.96 -5.35
C SER C 190 16.44 17.40 -4.13
N ILE C 191 15.94 17.72 -2.94
CA ILE C 191 16.53 17.24 -1.69
C ILE C 191 16.30 15.75 -1.44
N LEU C 192 15.46 15.13 -2.26
CA LEU C 192 15.06 13.74 -2.03
C LEU C 192 15.96 12.77 -2.80
N ASP C 193 15.61 11.49 -2.75
CA ASP C 193 16.30 10.52 -3.56
C ASP C 193 15.40 10.24 -4.76
N LEU C 194 15.79 10.75 -5.93
CA LEU C 194 14.90 10.72 -7.08
C LEU C 194 14.79 9.33 -7.70
N GLY C 195 15.89 8.58 -7.67
CA GLY C 195 15.90 7.24 -8.21
C GLY C 195 14.99 6.31 -7.42
N LEU C 196 15.11 6.33 -6.10
CA LEU C 196 14.20 5.56 -5.25
C LEU C 196 12.76 6.00 -5.48
N THR C 197 12.57 7.30 -5.65
CA THR C 197 11.22 7.84 -5.83
C THR C 197 10.60 7.33 -7.12
N THR C 198 11.37 7.31 -8.20
CA THR C 198 10.87 6.82 -9.49
C THR C 198 10.48 5.33 -9.42
N GLU C 199 11.25 4.52 -8.71
CA GLU C 199 10.90 3.10 -8.54
C GLU C 199 9.62 2.98 -7.74
N TYR C 200 9.54 3.77 -6.67
CA TYR C 200 8.39 3.73 -5.78
C TYR C 200 7.09 3.99 -6.55
N LEU C 201 7.07 5.07 -7.33
CA LEU C 201 5.91 5.42 -8.16
C LEU C 201 5.49 4.30 -9.14
N GLU C 202 6.44 3.62 -9.74
CA GLU C 202 6.13 2.52 -10.62
C GLU C 202 5.42 1.38 -9.89
N THR C 203 5.93 1.07 -8.71
CA THR C 203 5.45 -0.02 -7.88
C THR C 203 4.01 0.21 -7.53
N PHE C 204 3.68 1.46 -7.28
CA PHE C 204 2.35 1.84 -6.92
C PHE C 204 1.49 2.31 -8.08
N GLY C 205 1.97 2.15 -9.29
CA GLY C 205 1.20 2.40 -10.49
C GLY C 205 0.88 3.84 -10.85
N VAL C 206 1.68 4.76 -10.38
CA VAL C 206 1.46 6.16 -10.61
C VAL C 206 2.27 6.61 -11.82
N PRO C 207 1.59 7.09 -12.83
CA PRO C 207 2.26 7.62 -14.02
C PRO C 207 3.16 8.80 -13.67
N LEU C 208 4.40 8.79 -14.15
CA LEU C 208 5.27 9.93 -14.01
C LEU C 208 5.48 10.51 -15.39
N ILE C 209 4.80 11.63 -15.66
CA ILE C 209 4.74 12.21 -16.99
C ILE C 209 5.75 13.34 -17.13
N GLY C 210 6.75 13.14 -17.99
CA GLY C 210 7.62 14.24 -18.38
C GLY C 210 6.92 15.16 -19.36
N TYR C 211 6.83 16.45 -19.03
CA TYR C 211 6.25 17.38 -19.98
C TYR C 211 7.34 17.83 -20.95
N GLN C 212 7.17 17.47 -22.22
CA GLN C 212 8.16 17.75 -23.25
C GLN C 212 9.56 17.35 -22.81
N THR C 213 9.64 16.34 -21.96
CA THR C 213 10.92 15.85 -21.48
C THR C 213 10.89 14.34 -21.24
N LYS C 214 11.96 13.66 -21.65
CA LYS C 214 12.17 12.26 -21.29
C LYS C 214 12.81 12.21 -19.90
N ALA C 215 13.75 13.12 -19.67
CA ALA C 215 14.48 13.14 -18.41
C ALA C 215 13.65 13.76 -17.30
N LEU C 216 13.67 13.14 -16.13
CA LEU C 216 12.92 13.66 -14.98
C LEU C 216 13.49 15.00 -14.51
N PRO C 217 12.68 16.06 -14.55
CA PRO C 217 13.14 17.36 -14.04
C PRO C 217 13.55 17.23 -12.58
N ALA C 218 14.62 17.93 -12.25
CA ALA C 218 15.30 17.91 -10.96
C ALA C 218 14.89 19.01 -9.97
N PHE C 219 13.66 19.56 -10.08
CA PHE C 219 13.25 20.67 -9.21
C PHE C 219 14.05 21.91 -9.57
N PHE C 220 14.95 22.36 -8.72
CA PHE C 220 15.84 23.45 -9.13
C PHE C 220 16.49 23.23 -10.50
N CYS C 221 17.06 22.04 -10.74
CA CYS C 221 17.68 21.69 -12.03
C CYS C 221 16.68 21.23 -13.09
N ARG C 222 17.00 21.51 -14.35
CA ARG C 222 16.05 21.23 -15.42
C ARG C 222 15.95 19.74 -15.78
N THR C 223 17.05 19.01 -15.66
CA THR C 223 17.02 17.56 -15.90
C THR C 223 17.64 16.77 -14.76
N SER C 224 17.57 15.44 -14.90
CA SER C 224 18.12 14.49 -13.93
C SER C 224 18.72 13.34 -14.73
N PRO C 225 19.57 12.54 -14.08
CA PRO C 225 20.06 11.25 -14.60
C PRO C 225 18.89 10.30 -14.79
N PHE C 226 17.72 10.68 -14.30
CA PHE C 226 16.55 9.80 -14.25
C PHE C 226 15.48 10.12 -15.30
N ASP C 227 14.76 9.08 -15.72
CA ASP C 227 13.75 9.19 -16.76
C ASP C 227 12.36 9.14 -16.14
N VAL C 228 11.42 9.83 -16.79
CA VAL C 228 10.02 9.77 -16.42
C VAL C 228 9.46 8.46 -16.96
N SER C 229 8.20 8.15 -16.65
CA SER C 229 7.60 6.91 -17.17
C SER C 229 7.10 7.11 -18.59
N ILE C 230 6.63 8.32 -18.89
CA ILE C 230 6.26 8.70 -20.24
C ILE C 230 6.39 10.22 -20.50
N ARG C 231 6.74 10.55 -21.74
CA ARG C 231 6.78 11.94 -22.18
C ARG C 231 5.50 12.25 -22.95
N LEU C 232 4.84 13.33 -22.57
CA LEU C 232 3.70 13.84 -23.35
C LEU C 232 3.99 15.27 -23.72
N ASP C 233 3.66 15.68 -24.95
CA ASP C 233 4.07 17.00 -25.39
C ASP C 233 3.01 18.10 -25.29
N SER C 234 1.81 17.76 -24.83
CA SER C 234 0.75 18.77 -24.73
C SER C 234 -0.17 18.54 -23.54
N ALA C 235 -0.77 19.62 -23.05
CA ALA C 235 -1.75 19.53 -21.97
C ALA C 235 -2.94 18.66 -22.37
N SER C 236 -3.30 18.72 -23.65
CA SER C 236 -4.50 18.02 -24.10
C SER C 236 -4.30 16.51 -24.01
N GLU C 237 -3.10 16.06 -24.37
CA GLU C 237 -2.79 14.64 -24.27
C GLU C 237 -2.81 14.17 -22.81
N ILE C 238 -2.39 15.05 -21.90
CA ILE C 238 -2.47 14.75 -20.48
C ILE C 238 -3.92 14.59 -20.04
N ALA C 239 -4.77 15.53 -20.42
CA ALA C 239 -6.16 15.53 -20.02
C ALA C 239 -6.87 14.29 -20.55
N ARG C 240 -6.49 13.88 -21.75
CA ARG C 240 -7.11 12.73 -22.42
C ARG C 240 -6.74 11.43 -21.71
N ALA C 241 -5.48 11.33 -21.31
CA ALA C 241 -5.02 10.19 -20.53
C ALA C 241 -5.69 10.13 -19.13
N MET C 242 -5.88 11.29 -18.50
CA MET C 242 -6.60 11.37 -17.23
C MET C 242 -7.99 10.74 -17.36
N VAL C 243 -8.70 11.16 -18.40
CA VAL C 243 -10.03 10.66 -18.69
C VAL C 243 -10.06 9.14 -18.89
N VAL C 244 -9.16 8.61 -19.72
CA VAL C 244 -9.05 7.16 -19.90
C VAL C 244 -8.77 6.44 -18.56
N LYS C 245 -7.78 6.94 -17.84
CA LYS C 245 -7.33 6.34 -16.60
C LYS C 245 -8.49 6.11 -15.62
N TRP C 246 -9.27 7.16 -15.37
CA TRP C 246 -10.35 7.07 -14.40
C TRP C 246 -11.61 6.40 -14.95
N GLN C 247 -11.88 6.54 -16.24
CA GLN C 247 -12.98 5.80 -16.86
C GLN C 247 -12.72 4.31 -16.90
N SER C 248 -11.46 3.92 -16.72
CA SER C 248 -11.09 2.50 -16.72
C SER C 248 -11.01 2.01 -15.30
N GLY C 249 -11.26 2.92 -14.37
CA GLY C 249 -11.26 2.60 -12.96
C GLY C 249 -9.89 2.45 -12.36
N LEU C 250 -8.85 3.05 -12.97
CA LEU C 250 -7.55 2.94 -12.34
C LEU C 250 -7.41 4.14 -11.45
N ASN C 251 -7.67 3.92 -10.17
CA ASN C 251 -7.69 5.01 -9.22
C ASN C 251 -6.30 5.37 -8.74
N GLY C 252 -6.15 6.61 -8.30
CA GLY C 252 -4.85 7.18 -8.04
C GLY C 252 -4.58 8.32 -8.97
N GLY C 253 -3.53 9.07 -8.67
CA GLY C 253 -3.25 10.31 -9.36
C GLY C 253 -2.17 10.18 -10.40
N LEU C 254 -1.75 11.32 -10.93
CA LEU C 254 -0.71 11.38 -11.93
C LEU C 254 0.29 12.44 -11.52
N VAL C 255 1.57 12.19 -11.77
CA VAL C 255 2.59 13.22 -11.58
C VAL C 255 3.00 13.82 -12.93
N VAL C 256 2.69 15.09 -13.14
CA VAL C 256 3.20 15.79 -14.32
C VAL C 256 4.44 16.57 -13.91
N ALA C 257 5.59 16.12 -14.40
CA ALA C 257 6.86 16.75 -14.07
C ALA C 257 7.13 17.80 -15.14
N ASN C 258 7.11 19.05 -14.71
CA ASN C 258 7.23 20.19 -15.62
C ASN C 258 8.55 20.90 -15.33
N PRO C 259 9.54 20.77 -16.22
CA PRO C 259 10.86 21.33 -15.90
C PRO C 259 10.86 22.85 -15.79
N ILE C 260 11.77 23.37 -14.98
CA ILE C 260 11.84 24.79 -14.68
C ILE C 260 12.41 25.50 -15.91
N PRO C 261 11.91 26.71 -16.20
CA PRO C 261 12.47 27.49 -17.30
C PRO C 261 13.99 27.59 -17.17
N GLU C 262 14.69 27.36 -18.28
CA GLU C 262 16.14 27.37 -18.30
C GLU C 262 16.77 28.64 -17.72
N GLN C 263 16.05 29.75 -17.78
CA GLN C 263 16.59 31.01 -17.29
C GLN C 263 16.53 31.12 -15.76
N PHE C 264 15.61 30.38 -15.16
CA PHE C 264 15.44 30.41 -13.71
C PHE C 264 16.14 29.26 -13.01
N ALA C 265 16.81 28.42 -13.78
CA ALA C 265 17.46 27.24 -13.21
C ALA C 265 18.70 27.60 -12.38
N MET C 266 18.99 26.76 -11.40
CA MET C 266 20.21 26.91 -10.59
C MET C 266 21.35 26.12 -11.25
N PRO C 267 22.58 26.64 -11.16
CA PRO C 267 23.73 25.92 -11.71
C PRO C 267 24.02 24.62 -10.94
N GLU C 268 24.18 23.52 -11.67
CA GLU C 268 24.20 22.18 -11.07
C GLU C 268 25.14 22.05 -9.88
N HIS C 269 26.42 22.37 -10.07
CA HIS C 269 27.39 22.23 -8.99
C HIS C 269 27.03 23.07 -7.76
N THR C 270 26.47 24.25 -8.00
CA THR C 270 26.10 25.15 -6.90
C THR C 270 24.90 24.65 -6.10
N ILE C 271 23.80 24.35 -6.78
CA ILE C 271 22.59 23.88 -6.13
C ILE C 271 22.85 22.60 -5.37
N ASN C 272 23.57 21.68 -6.01
CA ASN C 272 23.79 20.35 -5.44
C ASN C 272 24.81 20.29 -4.30
N ALA C 273 25.78 21.21 -4.32
CA ALA C 273 26.74 21.31 -3.23
C ALA C 273 26.05 21.77 -1.97
N ALA C 274 25.15 22.75 -2.12
CA ALA C 274 24.39 23.26 -1.00
C ALA C 274 23.46 22.18 -0.44
N ILE C 275 22.76 21.49 -1.34
CA ILE C 275 21.85 20.42 -0.95
C ILE C 275 22.61 19.34 -0.17
N ASP C 276 23.68 18.82 -0.78
CA ASP C 276 24.52 17.82 -0.14
C ASP C 276 24.94 18.22 1.28
N GLN C 277 25.31 19.48 1.45
CA GLN C 277 25.74 19.98 2.76
C GLN C 277 24.56 20.09 3.73
N ALA C 278 23.43 20.60 3.24
CA ALA C 278 22.22 20.71 4.04
C ALA C 278 21.75 19.33 4.52
N VAL C 279 21.68 18.39 3.59
CA VAL C 279 21.35 17.01 3.91
C VAL C 279 22.25 16.51 5.04
N ALA C 280 23.56 16.59 4.83
CA ALA C 280 24.53 16.11 5.81
C ALA C 280 24.38 16.77 7.19
N GLU C 281 24.01 18.05 7.20
CA GLU C 281 23.85 18.78 8.45
C GLU C 281 22.64 18.29 9.22
N ALA C 282 21.59 17.94 8.48
CA ALA C 282 20.37 17.41 9.09
C ALA C 282 20.65 16.10 9.81
N GLU C 283 21.54 15.30 9.24
CA GLU C 283 21.93 14.07 9.89
C GLU C 283 22.71 14.21 11.17
N ALA C 284 23.72 15.07 11.17
CA ALA C 284 24.50 15.40 12.35
C ALA C 284 23.61 15.93 13.45
N GLN C 285 22.58 16.69 13.06
CA GLN C 285 21.74 17.38 14.04
C GLN C 285 20.47 16.62 14.42
N GLY C 286 20.27 15.46 13.78
CA GLY C 286 19.14 14.61 14.10
C GLY C 286 17.77 15.14 13.66
N VAL C 287 17.74 16.03 12.67
CA VAL C 287 16.46 16.48 12.13
C VAL C 287 15.77 15.27 11.49
N ILE C 288 14.54 15.00 11.91
CA ILE C 288 13.80 13.87 11.37
C ILE C 288 12.34 14.24 11.19
N GLY C 289 11.58 13.31 10.62
CA GLY C 289 10.14 13.47 10.55
C GLY C 289 9.71 14.62 9.66
N LYS C 290 8.53 15.17 9.96
CA LYS C 290 7.95 16.23 9.14
C LYS C 290 8.79 17.51 9.07
N GLU C 291 9.69 17.71 10.03
CA GLU C 291 10.51 18.93 10.06
C GLU C 291 11.66 18.90 9.04
N SER C 292 11.98 17.72 8.52
CA SER C 292 13.11 17.55 7.60
C SER C 292 13.05 18.45 6.38
N THR C 293 11.97 18.34 5.63
CA THR C 293 11.83 19.11 4.39
C THR C 293 11.95 20.62 4.63
N PRO C 294 11.13 21.18 5.55
CA PRO C 294 11.26 22.61 5.85
C PRO C 294 12.69 23.02 6.28
N PHE C 295 13.33 22.23 7.13
CA PHE C 295 14.71 22.49 7.54
C PHE C 295 15.65 22.52 6.35
N LEU C 296 15.62 21.46 5.54
CA LEU C 296 16.49 21.37 4.35
C LEU C 296 16.35 22.54 3.39
N LEU C 297 15.12 22.94 3.09
CA LEU C 297 14.86 24.01 2.14
C LEU C 297 15.29 25.36 2.71
N ALA C 298 15.05 25.56 4.01
CA ALA C 298 15.45 26.81 4.66
C ALA C 298 16.96 26.92 4.70
N ARG C 299 17.62 25.81 4.99
CA ARG C 299 19.08 25.78 4.97
C ARG C 299 19.58 26.09 3.57
N VAL C 300 19.16 25.29 2.60
CA VAL C 300 19.58 25.50 1.23
C VAL C 300 19.36 26.96 0.78
N ALA C 301 18.28 27.58 1.26
CA ALA C 301 17.98 28.95 0.89
C ALA C 301 19.01 29.96 1.45
N GLU C 302 19.47 29.73 2.67
CA GLU C 302 20.50 30.58 3.24
C GLU C 302 21.89 30.24 2.68
N LEU C 303 22.10 28.97 2.33
CA LEU C 303 23.37 28.55 1.74
C LEU C 303 23.55 29.07 0.33
N THR C 304 22.45 29.34 -0.37
CA THR C 304 22.54 30.00 -1.67
C THR C 304 22.28 31.50 -1.62
N GLY C 305 22.09 32.04 -0.43
CA GLY C 305 21.85 33.46 -0.28
C GLY C 305 20.45 33.85 -0.72
N GLY C 306 19.56 32.87 -0.79
CA GLY C 306 18.19 33.12 -1.18
C GLY C 306 17.96 32.93 -2.67
N ASP C 307 18.98 32.45 -3.38
CA ASP C 307 18.82 32.15 -4.80
C ASP C 307 17.94 30.92 -5.05
N SER C 308 18.00 29.95 -4.14
CA SER C 308 17.19 28.72 -4.32
C SER C 308 15.71 29.05 -4.18
N LEU C 309 15.41 29.91 -3.21
CA LEU C 309 14.04 30.37 -3.01
C LEU C 309 13.52 31.00 -4.29
N LYS C 310 14.31 31.90 -4.87
CA LYS C 310 13.91 32.59 -6.10
C LYS C 310 13.49 31.60 -7.18
N SER C 311 14.31 30.58 -7.41
CA SER C 311 13.98 29.54 -8.37
C SER C 311 12.69 28.80 -7.97
N ASN C 312 12.52 28.60 -6.68
CA ASN C 312 11.34 27.92 -6.18
C ASN C 312 10.09 28.65 -6.51
N ILE C 313 10.15 29.98 -6.43
CA ILE C 313 9.01 30.83 -6.74
C ILE C 313 8.64 30.70 -8.22
N GLN C 314 9.67 30.68 -9.07
CA GLN C 314 9.45 30.68 -10.51
C GLN C 314 8.86 29.38 -11.04
N LEU C 315 9.34 28.24 -10.53
CA LEU C 315 8.78 26.95 -10.97
C LEU C 315 7.32 26.84 -10.57
N VAL C 316 6.96 27.44 -9.44
CA VAL C 316 5.58 27.48 -8.99
C VAL C 316 4.69 28.16 -10.02
N PHE C 317 5.09 29.34 -10.47
CA PHE C 317 4.39 30.07 -11.52
C PHE C 317 4.30 29.24 -12.80
N ASN C 318 5.44 28.71 -13.20
CA ASN C 318 5.54 27.90 -14.40
C ASN C 318 4.61 26.68 -14.35
N ASN C 319 4.42 26.12 -13.15
CA ASN C 319 3.55 24.95 -13.00
C ASN C 319 2.08 25.36 -13.00
N ALA C 320 1.81 26.54 -12.46
CA ALA C 320 0.43 27.01 -12.40
C ALA C 320 -0.10 27.29 -13.79
N ILE C 321 0.77 27.73 -14.69
CA ILE C 321 0.37 27.96 -16.07
C ILE C 321 0.00 26.63 -16.73
N LEU C 322 0.93 25.67 -16.71
CA LEU C 322 0.65 24.36 -17.29
C LEU C 322 -0.59 23.74 -16.68
N ALA C 323 -0.68 23.78 -15.35
CA ALA C 323 -1.84 23.25 -14.62
C ALA C 323 -3.16 23.80 -15.16
N SER C 324 -3.15 25.10 -15.48
CA SER C 324 -4.32 25.79 -16.03
C SER C 324 -4.74 25.21 -17.38
N GLU C 325 -3.76 24.95 -18.23
CA GLU C 325 -4.01 24.37 -19.56
C GLU C 325 -4.59 22.97 -19.42
N ILE C 326 -3.98 22.20 -18.53
CA ILE C 326 -4.44 20.83 -18.27
C ILE C 326 -5.90 20.88 -17.84
N ALA C 327 -6.20 21.76 -16.89
CA ALA C 327 -7.53 21.86 -16.32
C ALA C 327 -8.61 22.18 -17.36
N LYS C 328 -8.31 23.09 -18.29
CA LYS C 328 -9.29 23.43 -19.33
C LYS C 328 -9.46 22.30 -20.34
N GLU C 329 -8.35 21.72 -20.81
CA GLU C 329 -8.44 20.54 -21.66
C GLU C 329 -9.31 19.46 -21.01
N TYR C 330 -9.08 19.20 -19.73
CA TYR C 330 -9.88 18.21 -19.03
C TYR C 330 -11.35 18.59 -19.00
N GLN C 331 -11.61 19.87 -18.75
CA GLN C 331 -12.97 20.38 -18.78
C GLN C 331 -13.64 20.13 -20.14
N ARG C 332 -12.91 20.43 -21.21
CA ARG C 332 -13.37 20.11 -22.57
C ARG C 332 -13.81 18.65 -22.64
N LEU C 333 -12.96 17.76 -22.15
CA LEU C 333 -13.18 16.33 -22.32
C LEU C 333 -14.24 15.78 -21.38
N ALA C 334 -14.71 16.65 -20.48
CA ALA C 334 -15.72 16.30 -19.49
C ALA C 334 -15.47 14.94 -18.86
C1 R5P D . 6.55 -11.98 -16.36
C2 R5P D . 5.23 -11.32 -15.97
O2 R5P D . 4.56 -10.81 -17.14
C3 R5P D . 5.41 -10.13 -15.02
O3 R5P D . 4.15 -9.48 -14.89
C4 R5P D . 6.42 -9.08 -15.49
O4 R5P D . 7.74 -9.63 -15.54
C5 R5P D . 6.48 -7.89 -14.51
O5 R5P D . 7.41 -6.92 -14.98
P R5P D . 7.68 -5.58 -14.12
O1P R5P D . 7.86 -6.02 -12.68
O2P R5P D . 6.39 -4.80 -14.35
O3P R5P D . 8.93 -4.98 -14.70
MN MN E . 10.87 -2.90 -11.73
C1 R5P F . 0.82 -9.25 19.16
C2 R5P F . -0.29 -8.88 18.18
O2 R5P F . -1.35 -9.86 18.14
C3 R5P F . 0.20 -8.74 16.75
O3 R5P F . -0.95 -8.50 15.93
C4 R5P F . 0.84 -10.01 16.19
O4 R5P F . 1.92 -10.46 17.04
C5 R5P F . 1.36 -9.73 14.78
O5 R5P F . 2.07 -10.87 14.28
P R5P F . 2.65 -10.83 12.80
O1P R5P F . 3.35 -9.51 12.64
O2P R5P F . 1.41 -10.94 11.93
O3P R5P F . 3.58 -12.03 12.76
MN MN G . 6.46 -10.99 9.89
C1 R5P H . 6.85 20.31 -0.37
C2 R5P H . 5.45 19.74 -0.41
O2 R5P H . 4.61 20.51 0.46
C3 R5P H . 5.39 18.29 0.09
O3 R5P H . 4.07 17.76 -0.04
C4 R5P H . 5.80 18.21 1.55
O4 R5P H . 7.12 18.69 1.77
C5 R5P H . 5.73 16.76 2.03
O5 R5P H . 6.38 16.71 3.29
P R5P H . 6.37 15.34 4.10
O1P R5P H . 6.79 14.28 3.11
O2P R5P H . 4.92 15.20 4.52
O3P R5P H . 7.38 15.58 5.20
MN MN I . 8.93 11.99 6.26
#